data_6S8H
#
_entry.id   6S8H
#
_cell.length_a   1.00
_cell.length_b   1.00
_cell.length_c   1.00
_cell.angle_alpha   90.00
_cell.angle_beta   90.00
_cell.angle_gamma   90.00
#
_symmetry.space_group_name_H-M   'P 1'
#
loop_
_entity.id
_entity.type
_entity.pdbx_description
1 polymer 'Lipopolysaccharide ABC transporter, ATP-binding protein LptB'
2 polymer 'Lipopolysaccharide export system permease protein LptF'
3 polymer 'Inner membrane protein yjgQ'
4 non-polymer 'Lauryl Maltose Neopentyl Glycol'
5 non-polymer '(2~{R},4~{R},5~{R},6~{R})-6-[(1~{R})-1,2-bis(oxidanyl)ethyl]-2-[(2~{R},4~{R},5~{R},6~{R})-6-[(1~{R})-1,2-bis(oxidanyl)ethyl]-5-[(2~{S},3~{S},4~{R},5~{R},6~{R})-6-[(1~{S})-1,2-bis(oxidanyl)ethyl]-4-[(2~{R},3~{S},4~{R},5~{S},6~{R})-6-[(1~{S})-2-[(2~{S},3~{S},4~{S},5~{S},6~{R})-6-[(1~{S})-1,2-bis(oxidanyl)ethyl]-3,4,5-tris(oxidanyl)oxan-2-yl]oxy-1-oxidanyl-ethyl]-3,4-bis(oxidanyl)-5-phosphonooxy-oxan-2-yl]oxy-3-oxidanyl-5-phosphonooxy-oxan-2-yl]oxy-2-carboxy-2-[[(2~{R},3~{S},4~{R},5~{R},6~{R})-5-[[(3~{R})-3-dodecanoyloxytetradecanoyl]amino]-6-[[(2~{R},3~{S},4~{R},5~{R},6~{R})-3-oxidanyl-5-[[(3~{R})-3-oxidanyltetradecanoyl]amino]-4-[(3~{R})-3-oxidanyltetradecanoyl]oxy-6-phosphonooxy-oxan-2-yl]methoxy]-3-phosphonooxy-4-[(3~{R})-3-tetradecanoyloxytetradecanoyl]oxy-oxan-2-yl]methoxy]oxan-4-yl]oxy-4,5-bis(oxidanyl)oxane-2-carboxylic acid'
6 non-polymer 2-decyl-5,6-dimethoxy-3-methylcyclohexa-2,5-diene-1,4-dione
7 non-polymer DODECYL-BETA-D-MALTOSIDE
#
loop_
_entity_poly.entity_id
_entity_poly.type
_entity_poly.pdbx_seq_one_letter_code
_entity_poly.pdbx_strand_id
1 'polypeptide(L)'
;MATLTAKNLAKAYKGRRVVEDVSLTVNSGEIVGLLGPNGAGKTTTFYMVVGIVPRDAGNIIIDDDDISLLPLHARARRGI
GYLPQEASIFRRLSVYDNLMAVLQIRDDLSAEQREDRANELMEEFHIEHLRDSMGQSLSGGERRRVEIARALAANPKFIL
LDEPFAGVDPISVIDIKRIIEHLRDSGLGVLITDHNVRETLAVCERAYIVSQGHLIAHGTPTEILQDEHVKRVYLGEDFR
L
;
A,B
2 'polypeptide(L)'
;MIIIRYLVRETLKSQLAILFILLLIFFCQKLVRILGAAVDGDIPANLVLSLLGLGVPEMAQLILPLSLFLGLLMTLGKLY
TESEITVMHACGLSKAVLVKAAMILAVFTAIVAAVNVMWAGPWSSRHQDEVLAEAKANPGMAALAQGQFQQATNGSSVLF
IESVDGSDFKDVFLAQIRPKGNARPSVVVADSGHLTQLRDGSQVVTLNQGTRFEGTALLRDFRITDFQDYQAIIGHQAVA
LDPNDTDQMDMRTLWNTDTDRARAELNWRITLVVTVFMMALMVVPLSVVNPRQGRVLSMLPAMLLYLLFFLIQTSLKSNG
GKGKLDPTLWMWTVNLIYLALAIVLNLWDTVPVRRLRASFSRKGAV
;
F
3 'polypeptide(L)'
;MQPFGVLDRYIGKTIFTTIMMTLFMLVSLSGIIKFVDQLKKAGQGSYDALGAGMYTLLSVPKDVQIFFPMAALLGALLGL
GMLAQRSELVVMQASGFTRMQVALSVMKTAIPLVLLTMAIGEWVAPQGEQMARNYRAQAMYGGSLLSTQQGLWAKDGNNF
VYIERVKGDEVLGGISIYAFNENRRLQSVRYAATAKFDPEHKVWRLSQVDESDLTNPKQITGSQTVSGTWKTDLTPDKLG
VVALDPDALSISGLHNYVKYLKSSGQDAGRYQLNMWSKIFQPLSVAVMMLMALSFIFGPLRSVPMGVRVVTGISFGFVFY
VLDQIFGPLTLVYGIPPIIGALLPSASFFLISLWLLMRKS
;
G
#
# COMPACT_ATOMS: atom_id res chain seq x y z
N ALA A 2 9.30 -32.72 -25.91
CA ALA A 2 10.21 -32.90 -24.79
C ALA A 2 9.44 -33.22 -23.53
N THR A 3 10.16 -33.40 -22.42
CA THR A 3 9.51 -33.58 -21.12
C THR A 3 10.18 -32.65 -20.12
N LEU A 4 9.41 -32.22 -19.13
CA LEU A 4 9.93 -31.45 -18.00
C LEU A 4 9.69 -32.29 -16.74
N THR A 5 10.78 -32.71 -16.11
CA THR A 5 10.68 -33.51 -14.91
C THR A 5 11.40 -32.80 -13.77
N ALA A 6 10.91 -33.01 -12.56
CA ALA A 6 11.51 -32.43 -11.38
C ALA A 6 11.89 -33.54 -10.41
N LYS A 7 13.01 -33.36 -9.72
CA LYS A 7 13.59 -34.43 -8.93
C LYS A 7 13.95 -33.91 -7.54
N ASN A 8 13.18 -34.34 -6.54
CA ASN A 8 13.50 -34.24 -5.11
C ASN A 8 13.69 -32.78 -4.66
N LEU A 9 12.59 -32.03 -4.72
CA LEU A 9 12.63 -30.64 -4.30
C LEU A 9 12.68 -30.54 -2.77
N ALA A 10 13.32 -29.48 -2.29
CA ALA A 10 13.39 -29.22 -0.86
C ALA A 10 13.54 -27.73 -0.65
N LYS A 11 12.80 -27.18 0.31
CA LYS A 11 12.85 -25.74 0.57
C LYS A 11 12.50 -25.50 2.03
N ALA A 12 13.34 -24.74 2.72
CA ALA A 12 13.13 -24.43 4.13
C ALA A 12 13.45 -22.97 4.35
N TYR A 13 12.45 -22.19 4.78
CA TYR A 13 12.67 -20.78 5.04
C TYR A 13 13.36 -20.57 6.39
N LYS A 14 12.65 -20.91 7.47
CA LYS A 14 13.17 -20.77 8.84
C LYS A 14 12.74 -22.01 9.60
N GLY A 15 13.63 -23.00 9.68
CA GLY A 15 13.36 -24.18 10.47
C GLY A 15 12.39 -25.16 9.83
N ARG A 16 11.13 -24.75 9.64
CA ARG A 16 10.12 -25.65 9.11
C ARG A 16 10.35 -25.86 7.63
N ARG A 17 10.32 -27.12 7.20
CA ARG A 17 10.53 -27.48 5.81
C ARG A 17 9.16 -27.53 5.13
N VAL A 18 8.86 -26.54 4.29
CA VAL A 18 7.57 -26.52 3.62
C VAL A 18 7.52 -27.55 2.50
N VAL A 19 8.66 -27.87 1.90
CA VAL A 19 8.76 -28.84 0.82
C VAL A 19 9.75 -29.92 1.23
N GLU A 20 9.36 -31.19 1.04
CA GLU A 20 10.23 -32.32 1.38
C GLU A 20 10.04 -33.41 0.32
N ASP A 21 10.93 -33.42 -0.69
CA ASP A 21 11.05 -34.49 -1.68
C ASP A 21 9.78 -34.67 -2.52
N VAL A 22 9.46 -33.65 -3.29
CA VAL A 22 8.36 -33.69 -4.26
C VAL A 22 8.94 -33.86 -5.66
N SER A 23 8.35 -34.75 -6.45
CA SER A 23 8.80 -34.99 -7.81
C SER A 23 7.60 -35.08 -8.73
N LEU A 24 7.73 -34.50 -9.92
CA LEU A 24 6.65 -34.55 -10.91
C LEU A 24 7.26 -34.67 -12.29
N THR A 25 6.39 -34.99 -13.25
CA THR A 25 6.79 -35.16 -14.64
C THR A 25 5.64 -34.75 -15.54
N VAL A 26 5.86 -33.75 -16.38
CA VAL A 26 4.89 -33.32 -17.36
C VAL A 26 5.47 -33.58 -18.75
N ASN A 27 4.68 -34.19 -19.63
CA ASN A 27 5.09 -34.43 -21.00
C ASN A 27 4.44 -33.40 -21.91
N SER A 28 4.59 -33.55 -23.22
CA SER A 28 4.00 -32.62 -24.17
C SER A 28 2.59 -33.05 -24.52
N GLY A 29 1.71 -32.06 -24.65
CA GLY A 29 0.32 -32.31 -24.97
C GLY A 29 -0.43 -32.99 -23.84
N GLU A 30 -0.26 -32.49 -22.62
CA GLU A 30 -0.81 -33.17 -21.45
C GLU A 30 -0.99 -32.17 -20.32
N ILE A 31 -2.25 -31.93 -19.93
CA ILE A 31 -2.54 -31.12 -18.76
C ILE A 31 -2.25 -31.96 -17.53
N VAL A 32 -1.66 -31.34 -16.50
CA VAL A 32 -1.47 -32.00 -15.22
C VAL A 32 -1.61 -30.96 -14.11
N GLY A 33 -2.47 -31.25 -13.14
CA GLY A 33 -2.67 -30.33 -12.04
C GLY A 33 -1.65 -30.52 -10.94
N LEU A 34 -1.48 -29.48 -10.13
CA LEU A 34 -0.67 -29.53 -8.92
C LEU A 34 -1.52 -28.90 -7.83
N LEU A 35 -2.13 -29.75 -7.01
CA LEU A 35 -3.24 -29.37 -6.14
C LEU A 35 -2.83 -29.55 -4.68
N GLY A 36 -3.79 -29.31 -3.78
CA GLY A 36 -3.57 -29.53 -2.37
C GLY A 36 -4.15 -28.45 -1.50
N PRO A 37 -4.06 -28.62 -0.18
CA PRO A 37 -4.51 -27.55 0.72
C PRO A 37 -3.54 -26.39 0.73
N ASN A 38 -4.02 -25.26 1.25
CA ASN A 38 -3.23 -24.04 1.28
C ASN A 38 -2.11 -24.16 2.31
N GLY A 39 -0.94 -23.62 1.97
CA GLY A 39 0.22 -23.70 2.82
C GLY A 39 0.88 -25.05 2.90
N ALA A 40 0.45 -26.02 2.10
CA ALA A 40 1.02 -27.35 2.08
C ALA A 40 2.18 -27.46 1.11
N GLY A 41 2.73 -26.35 0.66
CA GLY A 41 3.81 -26.37 -0.29
C GLY A 41 3.38 -26.33 -1.75
N LYS A 42 2.08 -26.41 -2.03
CA LYS A 42 1.60 -26.46 -3.42
C LYS A 42 1.81 -25.15 -4.15
N THR A 43 2.03 -24.05 -3.43
CA THR A 43 2.47 -22.82 -4.07
C THR A 43 3.97 -22.62 -3.95
N THR A 44 4.66 -23.46 -3.18
CA THR A 44 6.11 -23.37 -3.10
C THR A 44 6.78 -24.35 -4.03
N THR A 45 6.20 -25.52 -4.25
CA THR A 45 6.77 -26.44 -5.22
C THR A 45 6.40 -26.04 -6.64
N PHE A 46 5.44 -25.13 -6.81
CA PHE A 46 5.15 -24.62 -8.14
C PHE A 46 6.14 -23.54 -8.53
N TYR A 47 6.41 -22.59 -7.62
CA TYR A 47 7.31 -21.50 -7.95
C TYR A 47 8.76 -21.97 -8.04
N MET A 48 9.08 -23.12 -7.46
CA MET A 48 10.43 -23.67 -7.64
C MET A 48 10.60 -24.25 -9.03
N VAL A 49 9.50 -24.72 -9.64
CA VAL A 49 9.56 -25.20 -11.02
C VAL A 49 9.76 -24.03 -11.97
N VAL A 50 9.07 -22.92 -11.71
CA VAL A 50 9.22 -21.73 -12.53
C VAL A 50 10.57 -21.08 -12.29
N GLY A 51 10.86 -20.75 -11.03
CA GLY A 51 12.16 -20.22 -10.70
C GLY A 51 12.13 -18.93 -9.92
N ILE A 52 10.96 -18.52 -9.43
CA ILE A 52 10.89 -17.29 -8.64
C ILE A 52 11.59 -17.48 -7.30
N VAL A 53 11.23 -18.50 -6.55
CA VAL A 53 11.94 -18.86 -5.33
C VAL A 53 13.10 -19.77 -5.70
N PRO A 54 14.29 -19.54 -5.18
CA PRO A 54 15.42 -20.42 -5.51
C PRO A 54 15.32 -21.75 -4.78
N ARG A 55 15.53 -22.85 -5.49
CA ARG A 55 15.48 -24.16 -4.86
C ARG A 55 16.72 -24.36 -3.99
N ASP A 56 16.65 -25.37 -3.13
CA ASP A 56 17.75 -25.71 -2.23
C ASP A 56 18.42 -27.02 -2.60
N ALA A 57 17.66 -28.11 -2.70
CA ALA A 57 18.24 -29.43 -2.94
C ALA A 57 17.53 -30.15 -4.08
N GLY A 58 16.98 -29.41 -5.04
CA GLY A 58 16.21 -29.99 -6.11
C GLY A 58 17.03 -30.22 -7.37
N ASN A 59 16.33 -30.75 -8.39
CA ASN A 59 16.94 -30.98 -9.69
C ASN A 59 15.84 -30.87 -10.74
N ILE A 60 15.72 -29.70 -11.35
CA ILE A 60 14.72 -29.46 -12.39
C ILE A 60 15.38 -29.71 -13.74
N ILE A 61 14.77 -30.57 -14.55
CA ILE A 61 15.39 -31.09 -15.76
C ILE A 61 14.38 -31.04 -16.90
N ILE A 62 14.72 -30.33 -17.96
CA ILE A 62 14.10 -30.51 -19.25
C ILE A 62 14.99 -31.44 -20.05
N ASP A 63 14.46 -31.97 -21.17
CA ASP A 63 14.81 -33.25 -21.81
C ASP A 63 16.29 -33.65 -21.78
N ASP A 64 17.19 -32.72 -22.05
CA ASP A 64 18.61 -33.04 -21.94
C ASP A 64 19.45 -31.89 -21.36
N ASP A 65 18.88 -31.08 -20.48
CA ASP A 65 19.67 -30.01 -19.85
C ASP A 65 19.17 -29.78 -18.43
N ASP A 66 20.12 -29.77 -17.49
CA ASP A 66 19.85 -29.30 -16.15
C ASP A 66 19.66 -27.79 -16.15
N ILE A 67 18.60 -27.33 -15.49
CA ILE A 67 18.29 -25.91 -15.43
C ILE A 67 18.04 -25.48 -13.99
N SER A 68 18.47 -26.32 -13.05
CA SER A 68 18.10 -26.11 -11.65
C SER A 68 18.86 -24.95 -11.02
N LEU A 69 20.04 -24.62 -11.55
CA LEU A 69 20.79 -23.47 -11.07
C LEU A 69 20.36 -22.17 -11.72
N LEU A 70 19.49 -22.23 -12.70
CA LEU A 70 19.23 -21.09 -13.56
C LEU A 70 18.15 -20.19 -12.98
N PRO A 71 18.24 -18.87 -13.20
CA PRO A 71 17.16 -17.97 -12.81
C PRO A 71 16.00 -18.00 -13.79
N LEU A 72 15.01 -17.13 -13.61
CA LEU A 72 13.80 -17.18 -14.43
C LEU A 72 14.06 -16.70 -15.85
N HIS A 73 14.89 -15.67 -16.02
CA HIS A 73 15.08 -15.06 -17.34
C HIS A 73 15.82 -15.98 -18.30
N ALA A 74 16.71 -16.83 -17.78
CA ALA A 74 17.38 -17.82 -18.62
C ALA A 74 16.62 -19.12 -18.71
N ARG A 75 15.63 -19.34 -17.85
CA ARG A 75 14.78 -20.50 -17.96
C ARG A 75 13.66 -20.30 -18.98
N ALA A 76 13.29 -19.05 -19.27
CA ALA A 76 12.25 -18.77 -20.24
C ALA A 76 12.71 -19.00 -21.68
N ARG A 77 14.01 -19.15 -21.91
CA ARG A 77 14.51 -19.46 -23.24
C ARG A 77 14.65 -20.95 -23.49
N ARG A 78 14.60 -21.77 -22.45
CA ARG A 78 14.57 -23.22 -22.63
C ARG A 78 13.18 -23.75 -22.96
N GLY A 79 12.16 -22.90 -22.96
CA GLY A 79 10.82 -23.32 -23.30
C GLY A 79 9.88 -23.44 -22.11
N ILE A 80 9.98 -22.48 -21.19
CA ILE A 80 9.10 -22.44 -20.02
C ILE A 80 8.39 -21.09 -20.03
N GLY A 81 7.07 -21.12 -20.00
CA GLY A 81 6.29 -19.90 -19.99
C GLY A 81 5.49 -19.74 -18.72
N TYR A 82 5.60 -18.59 -18.07
CA TYR A 82 4.93 -18.33 -16.82
C TYR A 82 3.82 -17.31 -17.03
N LEU A 83 2.65 -17.58 -16.46
CA LEU A 83 1.53 -16.66 -16.52
C LEU A 83 1.06 -16.38 -15.10
N PRO A 84 1.29 -15.18 -14.58
CA PRO A 84 0.90 -14.88 -13.20
C PRO A 84 -0.62 -14.75 -13.06
N GLN A 85 -1.06 -14.72 -11.81
CA GLN A 85 -2.48 -14.82 -11.45
C GLN A 85 -3.13 -13.45 -11.30
N GLU A 86 -2.52 -12.45 -11.92
CA GLU A 86 -2.96 -11.08 -11.85
C GLU A 86 -3.22 -10.62 -13.27
N ALA A 87 -3.36 -9.31 -13.44
CA ALA A 87 -3.58 -8.72 -14.76
C ALA A 87 -2.43 -9.00 -15.71
N SER A 88 -1.24 -8.45 -15.39
CA SER A 88 0.03 -8.65 -16.09
C SER A 88 0.03 -8.21 -17.55
N ILE A 89 -0.98 -7.48 -17.98
CA ILE A 89 -0.94 -6.83 -19.27
C ILE A 89 -0.19 -5.52 -19.11
N PHE A 90 0.67 -5.21 -20.08
CA PHE A 90 1.31 -3.89 -20.10
C PHE A 90 0.22 -2.87 -20.38
N ARG A 91 0.00 -1.96 -19.44
CA ARG A 91 -1.16 -1.07 -19.52
C ARG A 91 -0.98 -0.01 -20.60
N ARG A 92 0.07 0.80 -20.49
CA ARG A 92 0.28 1.91 -21.41
C ARG A 92 1.12 1.47 -22.60
N LEU A 93 0.62 0.43 -23.28
CA LEU A 93 1.26 -0.13 -24.47
C LEU A 93 0.21 -0.93 -25.19
N SER A 94 -0.03 -0.62 -26.47
CA SER A 94 -1.17 -1.15 -27.20
C SER A 94 -1.09 -2.67 -27.39
N VAL A 95 -2.23 -3.27 -27.69
CA VAL A 95 -2.35 -4.72 -27.73
C VAL A 95 -1.60 -5.32 -28.92
N TYR A 96 -1.28 -4.52 -29.93
CA TYR A 96 -0.32 -4.96 -30.93
C TYR A 96 1.09 -4.98 -30.35
N ASP A 97 1.42 -4.00 -29.52
CA ASP A 97 2.78 -3.84 -29.06
C ASP A 97 3.17 -4.87 -28.00
N ASN A 98 2.19 -5.39 -27.25
CA ASN A 98 2.50 -6.43 -26.28
C ASN A 98 2.92 -7.72 -26.98
N LEU A 99 2.27 -8.05 -28.09
CA LEU A 99 2.69 -9.19 -28.89
C LEU A 99 3.86 -8.86 -29.80
N MET A 100 4.35 -7.61 -29.78
CA MET A 100 5.56 -7.23 -30.48
C MET A 100 6.74 -7.02 -29.54
N ALA A 101 6.49 -6.63 -28.28
CA ALA A 101 7.58 -6.38 -27.34
C ALA A 101 8.29 -7.66 -26.94
N VAL A 102 7.60 -8.81 -27.01
CA VAL A 102 8.23 -10.09 -26.70
C VAL A 102 8.61 -10.87 -27.94
N LEU A 103 8.10 -10.48 -29.12
CA LEU A 103 8.58 -11.09 -30.35
C LEU A 103 9.95 -10.57 -30.74
N GLN A 104 10.30 -9.36 -30.27
CA GLN A 104 11.63 -8.83 -30.52
C GLN A 104 12.69 -9.41 -29.59
N ILE A 105 12.28 -10.19 -28.60
CA ILE A 105 13.25 -10.83 -27.71
C ILE A 105 13.93 -12.00 -28.41
N ARG A 106 13.17 -12.76 -29.18
CA ARG A 106 13.72 -13.91 -29.90
C ARG A 106 14.65 -13.45 -31.00
N ASP A 107 15.83 -14.08 -31.07
CA ASP A 107 16.86 -13.67 -32.02
C ASP A 107 16.88 -14.49 -33.28
N ASP A 108 16.22 -15.65 -33.30
CA ASP A 108 16.16 -16.49 -34.49
C ASP A 108 15.07 -16.06 -35.46
N LEU A 109 14.34 -14.99 -35.15
CA LEU A 109 13.30 -14.46 -36.01
C LEU A 109 13.85 -13.23 -36.73
N SER A 110 13.78 -13.23 -38.06
CA SER A 110 14.23 -12.07 -38.81
C SER A 110 13.21 -10.94 -38.70
N ALA A 111 13.61 -9.75 -39.15
CA ALA A 111 12.88 -8.52 -38.83
C ALA A 111 11.52 -8.47 -39.53
N GLU A 112 11.43 -9.07 -40.71
CA GLU A 112 10.15 -9.16 -41.41
C GLU A 112 9.32 -10.35 -40.92
N GLN A 113 9.97 -11.38 -40.39
CA GLN A 113 9.33 -12.62 -39.96
C GLN A 113 8.53 -12.48 -38.67
N ARG A 114 8.53 -11.31 -38.03
CA ARG A 114 7.78 -11.12 -36.80
C ARG A 114 6.36 -10.65 -37.06
N GLU A 115 6.15 -9.86 -38.11
CA GLU A 115 4.83 -9.26 -38.33
C GLU A 115 3.81 -10.27 -38.83
N ASP A 116 4.24 -11.20 -39.70
CA ASP A 116 3.31 -12.24 -40.13
C ASP A 116 3.06 -13.26 -39.03
N ARG A 117 4.02 -13.40 -38.10
CA ARG A 117 3.79 -14.23 -36.92
C ARG A 117 2.84 -13.54 -35.96
N ALA A 118 2.93 -12.22 -35.83
CA ALA A 118 2.07 -11.48 -34.92
C ALA A 118 0.63 -11.47 -35.43
N ASN A 119 0.44 -11.25 -36.74
CA ASN A 119 -0.89 -11.28 -37.31
C ASN A 119 -1.48 -12.68 -37.30
N GLU A 120 -0.63 -13.70 -37.27
CA GLU A 120 -1.10 -15.07 -37.06
C GLU A 120 -1.63 -15.26 -35.65
N LEU A 121 -0.98 -14.67 -34.65
CA LEU A 121 -1.39 -14.84 -33.27
C LEU A 121 -2.67 -14.07 -32.95
N MET A 122 -2.80 -12.85 -33.48
CA MET A 122 -4.02 -12.08 -33.27
C MET A 122 -5.22 -12.70 -33.98
N GLU A 123 -4.99 -13.46 -35.05
CA GLU A 123 -6.06 -14.17 -35.75
C GLU A 123 -6.43 -15.48 -35.06
N GLU A 124 -5.44 -16.15 -34.47
CA GLU A 124 -5.68 -17.47 -33.88
C GLU A 124 -6.55 -17.40 -32.64
N PHE A 125 -6.37 -16.37 -31.82
CA PHE A 125 -7.14 -16.22 -30.60
C PHE A 125 -8.34 -15.29 -30.77
N HIS A 126 -8.68 -14.96 -32.03
CA HIS A 126 -9.84 -14.14 -32.40
C HIS A 126 -9.81 -12.76 -31.74
N ILE A 127 -8.63 -12.18 -31.64
CA ILE A 127 -8.47 -10.83 -31.10
C ILE A 127 -7.91 -9.88 -32.16
N GLU A 128 -8.13 -10.19 -33.43
CA GLU A 128 -7.65 -9.33 -34.51
C GLU A 128 -8.42 -8.02 -34.59
N HIS A 129 -9.71 -8.05 -34.22
CA HIS A 129 -10.56 -6.88 -34.40
C HIS A 129 -10.18 -5.73 -33.48
N LEU A 130 -9.54 -6.02 -32.35
CA LEU A 130 -9.01 -5.00 -31.47
C LEU A 130 -7.49 -5.01 -31.60
N ARG A 131 -6.94 -3.92 -32.12
CA ARG A 131 -5.51 -3.81 -32.40
C ARG A 131 -4.89 -2.55 -31.79
N ASP A 132 -5.65 -1.47 -31.63
CA ASP A 132 -5.13 -0.23 -31.06
C ASP A 132 -5.59 0.04 -29.64
N SER A 133 -6.41 -0.82 -29.05
CA SER A 133 -6.84 -0.61 -27.68
C SER A 133 -5.66 -0.82 -26.74
N MET A 134 -5.56 0.01 -25.71
CA MET A 134 -4.32 0.11 -24.95
C MET A 134 -4.12 -1.11 -24.05
N GLY A 135 -4.99 -1.30 -23.07
CA GLY A 135 -4.78 -2.38 -22.15
C GLY A 135 -5.18 -2.01 -20.74
N GLN A 136 -5.24 -0.70 -20.47
CA GLN A 136 -5.86 -0.25 -19.23
C GLN A 136 -7.34 -0.53 -19.23
N SER A 137 -7.96 -0.54 -20.41
CA SER A 137 -9.37 -0.85 -20.58
C SER A 137 -9.49 -1.83 -21.74
N LEU A 138 -9.48 -3.13 -21.45
CA LEU A 138 -9.82 -4.12 -22.48
C LEU A 138 -11.10 -4.86 -22.14
N SER A 139 -11.11 -5.70 -21.10
CA SER A 139 -12.22 -6.53 -20.62
C SER A 139 -11.76 -7.35 -19.43
N GLY A 140 -12.67 -8.14 -18.85
CA GLY A 140 -12.23 -9.29 -18.09
C GLY A 140 -11.92 -10.50 -18.97
N GLY A 141 -12.38 -10.48 -20.22
CA GLY A 141 -12.15 -11.52 -21.18
C GLY A 141 -11.07 -11.24 -22.21
N GLU A 142 -10.44 -10.07 -22.16
CA GLU A 142 -9.21 -9.83 -22.92
C GLU A 142 -8.01 -9.65 -22.03
N ARG A 143 -8.21 -9.55 -20.72
CA ARG A 143 -7.15 -9.67 -19.74
C ARG A 143 -6.72 -11.12 -19.50
N ARG A 144 -7.33 -12.08 -20.20
CA ARG A 144 -6.95 -13.48 -20.13
C ARG A 144 -6.59 -14.07 -21.48
N ARG A 145 -6.96 -13.44 -22.58
CA ARG A 145 -6.66 -13.97 -23.90
C ARG A 145 -5.42 -13.33 -24.52
N VAL A 146 -5.12 -12.09 -24.14
CA VAL A 146 -3.89 -11.48 -24.62
C VAL A 146 -2.69 -12.00 -23.84
N GLU A 147 -2.87 -12.35 -22.56
CA GLU A 147 -1.79 -12.92 -21.77
C GLU A 147 -1.31 -14.25 -22.34
N ILE A 148 -2.25 -15.07 -22.80
CA ILE A 148 -1.87 -16.34 -23.42
C ILE A 148 -1.26 -16.09 -24.79
N ALA A 149 -1.85 -15.18 -25.58
CA ALA A 149 -1.33 -14.88 -26.91
C ALA A 149 -0.04 -14.08 -26.87
N ARG A 150 0.38 -13.59 -25.70
CA ARG A 150 1.69 -12.97 -25.54
C ARG A 150 2.72 -13.93 -24.97
N ALA A 151 2.34 -14.77 -24.02
CA ALA A 151 3.27 -15.76 -23.47
C ALA A 151 3.45 -16.95 -24.40
N LEU A 152 2.60 -17.11 -25.40
CA LEU A 152 2.84 -18.07 -26.47
C LEU A 152 3.80 -17.53 -27.52
N ALA A 153 4.00 -16.21 -27.57
CA ALA A 153 4.84 -15.60 -28.58
C ALA A 153 6.33 -15.83 -28.33
N ALA A 154 6.72 -16.11 -27.09
CA ALA A 154 8.13 -16.36 -26.76
C ALA A 154 8.56 -17.80 -27.01
N ASN A 155 7.78 -18.55 -27.79
CA ASN A 155 7.96 -19.95 -28.16
C ASN A 155 8.16 -20.85 -26.95
N PRO A 156 7.14 -21.07 -26.14
CA PRO A 156 7.31 -21.92 -24.96
C PRO A 156 7.18 -23.40 -25.33
N LYS A 157 7.46 -24.25 -24.36
CA LYS A 157 7.18 -25.68 -24.48
C LYS A 157 6.40 -26.23 -23.31
N PHE A 158 6.42 -25.60 -22.15
CA PHE A 158 5.79 -26.07 -20.93
C PHE A 158 5.14 -24.94 -20.17
N ILE A 159 4.19 -24.23 -20.81
CA ILE A 159 3.54 -23.06 -20.20
C ILE A 159 2.88 -23.39 -18.86
N LEU A 160 3.25 -22.64 -17.82
CA LEU A 160 2.86 -22.93 -16.44
C LEU A 160 1.87 -21.87 -15.96
N LEU A 161 0.61 -22.27 -15.86
CA LEU A 161 -0.42 -21.35 -15.40
C LEU A 161 -0.38 -21.21 -13.89
N ASP A 162 -0.69 -20.02 -13.39
CA ASP A 162 -0.84 -19.77 -11.96
C ASP A 162 -2.26 -19.29 -11.78
N GLU A 163 -3.11 -20.15 -11.22
CA GLU A 163 -4.49 -19.83 -10.87
C GLU A 163 -5.32 -19.26 -12.03
N PRO A 164 -5.65 -20.08 -13.04
CA PRO A 164 -6.36 -19.52 -14.20
C PRO A 164 -7.78 -19.12 -13.89
N PHE A 165 -8.46 -19.85 -13.01
CA PHE A 165 -9.86 -19.56 -12.76
C PHE A 165 -10.00 -18.40 -11.78
N ALA A 166 -9.56 -18.61 -10.53
CA ALA A 166 -9.21 -17.59 -9.53
C ALA A 166 -10.27 -16.50 -9.36
N GLY A 167 -11.53 -16.93 -9.29
CA GLY A 167 -12.59 -15.95 -9.11
C GLY A 167 -13.15 -15.34 -10.38
N VAL A 168 -13.70 -16.17 -11.26
CA VAL A 168 -14.46 -15.72 -12.42
C VAL A 168 -15.85 -16.34 -12.36
N ASP A 169 -16.71 -15.92 -13.27
CA ASP A 169 -18.08 -16.41 -13.31
C ASP A 169 -18.10 -17.85 -13.84
N PRO A 170 -19.03 -18.69 -13.37
CA PRO A 170 -19.13 -20.05 -13.91
C PRO A 170 -19.61 -20.13 -15.36
N ILE A 171 -20.00 -19.01 -15.97
CA ILE A 171 -20.16 -18.95 -17.43
C ILE A 171 -18.83 -18.64 -18.11
N SER A 172 -17.85 -18.08 -17.40
CA SER A 172 -16.54 -17.80 -17.97
C SER A 172 -15.55 -18.93 -17.68
N VAL A 173 -15.96 -19.95 -16.94
CA VAL A 173 -15.12 -21.13 -16.75
C VAL A 173 -15.21 -22.07 -17.95
N ILE A 174 -16.08 -21.78 -18.92
CA ILE A 174 -16.07 -22.56 -20.14
C ILE A 174 -15.17 -21.93 -21.21
N ASP A 175 -15.02 -20.61 -21.17
CA ASP A 175 -14.19 -19.94 -22.17
C ASP A 175 -12.73 -19.83 -21.76
N ILE A 176 -12.41 -20.03 -20.48
CA ILE A 176 -11.02 -20.02 -20.03
C ILE A 176 -10.62 -21.48 -19.77
N LYS A 177 -11.46 -22.40 -20.20
CA LYS A 177 -11.12 -23.82 -20.26
C LYS A 177 -10.98 -24.32 -21.69
N ARG A 178 -11.77 -23.77 -22.62
CA ARG A 178 -11.68 -24.15 -24.02
C ARG A 178 -10.35 -23.74 -24.64
N ILE A 179 -9.69 -22.70 -24.12
CA ILE A 179 -8.40 -22.31 -24.63
C ILE A 179 -7.24 -22.89 -23.82
N ILE A 180 -7.51 -23.68 -22.78
CA ILE A 180 -6.45 -24.44 -22.15
C ILE A 180 -6.29 -25.77 -22.85
N GLU A 181 -7.39 -26.39 -23.25
CA GLU A 181 -7.29 -27.61 -24.03
C GLU A 181 -6.81 -27.30 -25.45
N HIS A 182 -7.09 -26.09 -25.95
CA HIS A 182 -6.51 -25.67 -27.21
C HIS A 182 -5.03 -25.39 -27.08
N LEU A 183 -4.59 -24.97 -25.89
CA LEU A 183 -3.17 -24.70 -25.67
C LEU A 183 -2.33 -25.97 -25.71
N ARG A 184 -2.89 -27.12 -25.35
CA ARG A 184 -2.13 -28.35 -25.47
C ARG A 184 -2.30 -29.02 -26.83
N ASP A 185 -3.27 -28.57 -27.64
CA ASP A 185 -3.44 -29.14 -28.97
C ASP A 185 -2.32 -28.74 -29.92
N SER A 186 -1.55 -27.71 -29.60
CA SER A 186 -0.40 -27.32 -30.37
C SER A 186 0.88 -28.00 -29.88
N GLY A 187 0.78 -29.10 -29.15
CA GLY A 187 1.94 -29.80 -28.64
C GLY A 187 2.66 -29.02 -27.57
N LEU A 188 2.00 -28.84 -26.41
CA LEU A 188 2.48 -27.90 -25.40
C LEU A 188 1.92 -28.34 -24.06
N GLY A 189 2.77 -28.94 -23.22
CA GLY A 189 2.33 -29.38 -21.91
C GLY A 189 2.05 -28.18 -21.02
N VAL A 190 1.11 -28.34 -20.09
CA VAL A 190 0.62 -27.24 -19.28
C VAL A 190 0.35 -27.74 -17.86
N LEU A 191 0.75 -26.94 -16.87
CA LEU A 191 0.69 -27.32 -15.46
C LEU A 191 -0.17 -26.31 -14.70
N ILE A 192 -1.45 -26.64 -14.54
CA ILE A 192 -2.35 -25.82 -13.73
C ILE A 192 -2.08 -26.08 -12.26
N THR A 193 -2.16 -25.04 -11.44
CA THR A 193 -1.94 -25.18 -9.99
C THR A 193 -2.92 -24.33 -9.19
N ASP A 194 -4.17 -24.28 -9.62
CA ASP A 194 -5.10 -23.36 -9.00
C ASP A 194 -5.64 -23.91 -7.68
N HIS A 195 -6.52 -23.14 -7.07
CA HIS A 195 -7.13 -23.46 -5.79
C HIS A 195 -8.48 -24.14 -5.91
N ASN A 196 -9.31 -23.68 -6.85
CA ASN A 196 -10.70 -24.12 -6.96
C ASN A 196 -10.71 -25.51 -7.56
N VAL A 197 -10.76 -26.52 -6.70
CA VAL A 197 -10.72 -27.92 -7.13
C VAL A 197 -12.16 -28.32 -7.40
N ARG A 198 -12.64 -27.93 -8.58
CA ARG A 198 -13.76 -28.57 -9.25
C ARG A 198 -13.53 -28.68 -10.74
N GLU A 199 -12.73 -27.80 -11.32
CA GLU A 199 -12.54 -27.71 -12.76
C GLU A 199 -11.13 -28.07 -13.19
N THR A 200 -10.15 -27.98 -12.31
CA THR A 200 -8.84 -28.54 -12.61
C THR A 200 -8.90 -30.07 -12.68
N LEU A 201 -9.83 -30.68 -11.94
CA LEU A 201 -10.04 -32.12 -12.10
C LEU A 201 -10.93 -32.43 -13.29
N ALA A 202 -11.60 -31.42 -13.83
CA ALA A 202 -12.45 -31.60 -15.01
C ALA A 202 -11.75 -31.17 -16.29
N VAL A 203 -10.47 -30.85 -16.24
CA VAL A 203 -9.75 -30.41 -17.42
C VAL A 203 -8.47 -31.21 -17.61
N CYS A 204 -7.97 -31.84 -16.55
CA CYS A 204 -6.65 -32.41 -16.57
C CYS A 204 -6.70 -33.90 -16.89
N GLU A 205 -5.53 -34.53 -16.84
CA GLU A 205 -5.39 -35.97 -16.99
C GLU A 205 -4.59 -36.59 -15.87
N ARG A 206 -3.94 -35.78 -15.03
CA ARG A 206 -3.12 -36.26 -13.93
C ARG A 206 -3.07 -35.16 -12.88
N ALA A 207 -2.71 -35.52 -11.65
CA ALA A 207 -2.61 -34.51 -10.62
C ALA A 207 -1.45 -34.86 -9.70
N TYR A 208 -1.05 -33.91 -8.87
CA TYR A 208 0.08 -34.08 -7.96
C TYR A 208 -0.24 -33.47 -6.59
N ILE A 209 -1.35 -33.89 -5.97
CA ILE A 209 -1.79 -33.36 -4.68
C ILE A 209 -0.71 -33.55 -3.61
N VAL A 210 -0.24 -32.44 -3.06
CA VAL A 210 0.74 -32.46 -1.98
C VAL A 210 0.03 -32.22 -0.66
N SER A 211 0.69 -32.58 0.45
CA SER A 211 0.16 -32.31 1.79
C SER A 211 1.34 -32.17 2.77
N GLN A 212 1.64 -30.92 3.09
CA GLN A 212 2.52 -30.42 4.16
C GLN A 212 4.00 -30.69 3.95
N GLY A 213 4.38 -31.67 3.12
CA GLY A 213 5.71 -31.65 2.59
C GLY A 213 5.93 -32.41 1.29
N HIS A 214 4.94 -33.15 0.81
CA HIS A 214 5.25 -34.19 -0.16
C HIS A 214 3.97 -34.70 -0.81
N LEU A 215 4.15 -35.52 -1.83
CA LEU A 215 3.05 -36.06 -2.62
C LEU A 215 2.19 -37.00 -1.79
N ILE A 216 0.93 -37.15 -2.22
CA ILE A 216 -0.01 -38.05 -1.56
C ILE A 216 -0.57 -39.01 -2.62
N ALA A 217 -0.68 -38.55 -3.85
CA ALA A 217 -1.25 -39.33 -4.94
C ALA A 217 -0.91 -38.66 -6.25
N HIS A 218 -0.64 -39.46 -7.28
CA HIS A 218 -0.29 -38.89 -8.58
C HIS A 218 -0.96 -39.65 -9.72
N GLY A 219 -2.25 -39.91 -9.59
CA GLY A 219 -3.00 -40.58 -10.64
C GLY A 219 -3.90 -39.65 -11.42
N THR A 220 -4.81 -40.24 -12.17
CA THR A 220 -5.86 -39.51 -12.85
C THR A 220 -6.91 -39.14 -11.80
N PRO A 221 -7.78 -38.17 -12.09
CA PRO A 221 -8.85 -37.82 -11.12
C PRO A 221 -9.75 -38.96 -10.68
N THR A 222 -9.90 -40.02 -11.47
CA THR A 222 -10.67 -41.16 -10.98
C THR A 222 -9.85 -42.11 -10.11
N GLU A 223 -8.56 -41.86 -9.92
CA GLU A 223 -7.80 -42.54 -8.88
C GLU A 223 -7.61 -41.69 -7.63
N ILE A 224 -8.23 -40.52 -7.59
CA ILE A 224 -8.07 -39.58 -6.49
C ILE A 224 -9.36 -39.46 -5.68
N LEU A 225 -10.51 -39.45 -6.35
CA LEU A 225 -11.78 -39.37 -5.65
C LEU A 225 -12.12 -40.70 -4.99
N GLN A 226 -11.56 -41.80 -5.50
CA GLN A 226 -11.72 -43.10 -4.88
C GLN A 226 -10.60 -43.44 -3.92
N ASP A 227 -9.60 -42.55 -3.79
CA ASP A 227 -8.53 -42.72 -2.82
C ASP A 227 -9.07 -42.50 -1.40
N GLU A 228 -8.32 -42.98 -0.41
CA GLU A 228 -8.77 -42.88 0.97
C GLU A 228 -7.87 -41.98 1.81
N HIS A 229 -6.60 -41.88 1.43
CA HIS A 229 -5.68 -41.07 2.22
C HIS A 229 -5.83 -39.59 1.92
N VAL A 230 -6.10 -39.24 0.66
CA VAL A 230 -6.29 -37.83 0.31
C VAL A 230 -7.62 -37.29 0.83
N LYS A 231 -8.56 -38.16 1.18
CA LYS A 231 -9.87 -37.70 1.63
C LYS A 231 -9.92 -37.42 3.13
N ARG A 232 -8.77 -37.14 3.77
CA ARG A 232 -8.71 -36.79 5.17
C ARG A 232 -7.98 -35.48 5.44
N VAL A 233 -6.92 -35.19 4.67
CA VAL A 233 -6.22 -33.91 4.77
C VAL A 233 -6.67 -32.94 3.69
N TYR A 234 -7.60 -33.36 2.84
CA TYR A 234 -8.03 -32.65 1.64
C TYR A 234 -9.49 -33.04 1.48
N LEU A 235 -10.02 -33.08 0.25
CA LEU A 235 -11.39 -32.81 -0.16
C LEU A 235 -12.51 -33.08 0.84
N GLY A 236 -12.51 -34.25 1.48
CA GLY A 236 -13.55 -34.52 2.43
C GLY A 236 -14.22 -35.87 2.29
N GLU A 237 -15.55 -35.91 2.38
CA GLU A 237 -16.26 -37.18 2.33
C GLU A 237 -17.39 -37.19 1.31
N ASP A 238 -17.53 -36.13 0.51
CA ASP A 238 -18.55 -36.11 -0.54
C ASP A 238 -18.04 -35.21 -1.67
N PHE A 239 -17.84 -35.80 -2.86
CA PHE A 239 -17.40 -35.03 -4.01
C PHE A 239 -18.10 -35.48 -5.29
N ARG A 240 -19.23 -36.16 -5.20
CA ARG A 240 -19.87 -36.80 -6.35
C ARG A 240 -20.40 -35.80 -7.38
N ALA B 2 -37.65 -11.49 13.05
CA ALA B 2 -38.13 -10.25 12.47
C ALA B 2 -38.08 -10.31 10.94
N THR B 3 -38.46 -9.22 10.29
CA THR B 3 -38.82 -9.19 8.87
C THR B 3 -38.10 -8.06 8.15
N LEU B 4 -36.77 -8.07 8.19
CA LEU B 4 -35.98 -7.07 7.45
C LEU B 4 -36.34 -7.05 5.98
N THR B 5 -36.78 -5.89 5.52
CA THR B 5 -37.28 -5.67 4.17
C THR B 5 -36.45 -4.57 3.51
N ALA B 6 -36.08 -4.81 2.25
CA ALA B 6 -35.27 -3.87 1.49
C ALA B 6 -35.95 -3.64 0.16
N LYS B 7 -36.58 -2.48 0.00
CA LYS B 7 -37.35 -2.17 -1.21
C LYS B 7 -36.72 -1.01 -1.96
N ASN B 8 -36.65 -1.15 -3.28
CA ASN B 8 -36.38 -0.06 -4.23
C ASN B 8 -35.00 0.56 -4.02
N LEU B 9 -33.98 -0.29 -4.02
CA LEU B 9 -32.61 0.19 -3.82
C LEU B 9 -32.02 0.64 -5.15
N ALA B 10 -31.32 1.78 -5.13
CA ALA B 10 -30.71 2.32 -6.33
C ALA B 10 -29.46 3.11 -5.97
N LYS B 11 -28.62 3.36 -6.98
CA LYS B 11 -27.32 4.01 -6.79
C LYS B 11 -26.82 4.50 -8.14
N ALA B 12 -26.05 5.58 -8.11
CA ALA B 12 -25.40 6.09 -9.30
C ALA B 12 -23.93 6.35 -9.00
N TYR B 13 -23.04 5.71 -9.74
CA TYR B 13 -21.60 5.98 -9.68
C TYR B 13 -21.22 6.70 -10.97
N LYS B 14 -21.12 8.03 -10.88
CA LYS B 14 -20.71 8.91 -11.98
C LYS B 14 -21.64 8.77 -13.19
N GLY B 15 -22.94 8.74 -12.93
CA GLY B 15 -23.92 8.64 -13.99
C GLY B 15 -24.32 7.22 -14.34
N ARG B 16 -23.41 6.27 -14.11
CA ARG B 16 -23.71 4.87 -14.39
C ARG B 16 -24.73 4.33 -13.39
N ARG B 17 -25.58 3.42 -13.87
CA ARG B 17 -26.61 2.81 -13.04
C ARG B 17 -26.18 1.39 -12.70
N VAL B 18 -25.99 1.13 -11.42
CA VAL B 18 -25.44 -0.14 -10.95
C VAL B 18 -26.52 -1.05 -10.38
N VAL B 19 -27.60 -0.46 -9.88
CA VAL B 19 -28.68 -1.22 -9.26
C VAL B 19 -29.99 -0.43 -9.42
N GLU B 20 -31.06 -1.12 -9.78
CA GLU B 20 -32.37 -0.47 -9.92
C GLU B 20 -33.46 -1.40 -9.42
N ASP B 21 -34.09 -1.03 -8.30
CA ASP B 21 -35.33 -1.61 -7.79
C ASP B 21 -35.20 -3.11 -7.49
N VAL B 22 -34.36 -3.43 -6.51
CA VAL B 22 -34.25 -4.78 -5.99
C VAL B 22 -35.09 -4.88 -4.72
N SER B 23 -35.70 -6.03 -4.52
CA SER B 23 -36.62 -6.25 -3.40
C SER B 23 -36.29 -7.58 -2.75
N LEU B 24 -35.46 -7.55 -1.71
CA LEU B 24 -35.09 -8.76 -1.00
C LEU B 24 -35.48 -8.63 0.46
N THR B 25 -36.04 -9.72 1.01
CA THR B 25 -36.45 -9.78 2.39
C THR B 25 -35.81 -11.00 3.04
N VAL B 26 -35.71 -10.99 4.36
CA VAL B 26 -35.23 -12.14 5.11
C VAL B 26 -36.02 -12.23 6.41
N ASN B 27 -36.46 -13.44 6.76
CA ASN B 27 -37.14 -13.71 8.01
C ASN B 27 -36.19 -14.41 8.97
N SER B 28 -36.58 -14.43 10.24
CA SER B 28 -35.74 -15.00 11.28
C SER B 28 -35.69 -16.52 11.15
N GLY B 29 -34.50 -17.08 11.28
CA GLY B 29 -34.30 -18.50 11.09
C GLY B 29 -34.40 -18.91 9.64
N GLU B 30 -33.66 -18.20 8.77
CA GLU B 30 -33.72 -18.42 7.34
C GLU B 30 -32.47 -17.89 6.66
N ILE B 31 -31.75 -18.73 5.93
CA ILE B 31 -30.55 -18.32 5.21
C ILE B 31 -30.96 -17.96 3.79
N VAL B 32 -30.85 -16.69 3.42
CA VAL B 32 -31.07 -16.26 2.05
C VAL B 32 -29.73 -15.85 1.46
N GLY B 33 -29.56 -16.10 0.17
CA GLY B 33 -28.33 -15.78 -0.53
C GLY B 33 -28.52 -14.68 -1.55
N LEU B 34 -27.51 -13.82 -1.67
CA LEU B 34 -27.52 -12.73 -2.62
C LEU B 34 -26.30 -12.88 -3.51
N LEU B 35 -26.49 -13.49 -4.68
CA LEU B 35 -25.35 -13.78 -5.53
C LEU B 35 -25.62 -13.30 -6.95
N GLY B 36 -24.62 -13.47 -7.81
CA GLY B 36 -24.71 -13.01 -9.18
C GLY B 36 -23.35 -12.81 -9.80
N PRO B 37 -23.32 -12.46 -11.09
CA PRO B 37 -22.06 -12.13 -11.74
C PRO B 37 -21.51 -10.80 -11.22
N ASN B 38 -20.23 -10.57 -11.51
CA ASN B 38 -19.50 -9.48 -10.88
C ASN B 38 -19.87 -8.09 -11.39
N GLY B 39 -20.74 -8.00 -12.40
CA GLY B 39 -21.33 -6.73 -12.79
C GLY B 39 -22.15 -6.20 -11.64
N ALA B 40 -21.95 -4.92 -11.31
CA ALA B 40 -21.87 -4.38 -9.94
C ALA B 40 -22.83 -5.01 -8.96
N GLY B 41 -24.15 -4.89 -9.22
CA GLY B 41 -25.13 -5.91 -8.87
C GLY B 41 -25.18 -6.42 -7.45
N LYS B 42 -24.65 -7.63 -7.32
CA LYS B 42 -24.54 -8.34 -6.04
C LYS B 42 -23.80 -7.53 -4.98
N THR B 43 -22.70 -6.89 -5.35
CA THR B 43 -21.80 -6.32 -4.34
C THR B 43 -22.38 -5.06 -3.71
N THR B 44 -22.85 -4.12 -4.54
CA THR B 44 -23.30 -2.84 -4.01
C THR B 44 -24.65 -2.96 -3.32
N THR B 45 -25.51 -3.89 -3.77
CA THR B 45 -26.76 -4.17 -3.07
C THR B 45 -26.52 -4.70 -1.67
N PHE B 46 -25.52 -5.54 -1.49
CA PHE B 46 -25.20 -6.04 -0.15
C PHE B 46 -24.61 -4.96 0.74
N TYR B 47 -23.88 -4.00 0.18
CA TYR B 47 -23.29 -2.94 0.99
C TYR B 47 -24.25 -1.80 1.26
N MET B 48 -25.56 -1.99 1.04
CA MET B 48 -26.60 -1.06 1.46
C MET B 48 -27.42 -1.62 2.59
N VAL B 49 -27.66 -2.92 2.60
CA VAL B 49 -28.32 -3.56 3.73
C VAL B 49 -27.44 -3.47 4.96
N VAL B 50 -26.13 -3.56 4.79
CA VAL B 50 -25.21 -3.35 5.90
C VAL B 50 -25.11 -1.86 6.20
N GLY B 51 -24.61 -1.08 5.24
CA GLY B 51 -24.64 0.36 5.40
C GLY B 51 -23.31 1.08 5.26
N ILE B 52 -22.31 0.46 4.65
CA ILE B 52 -21.05 1.16 4.43
C ILE B 52 -21.22 2.08 3.23
N VAL B 53 -22.08 1.70 2.30
CA VAL B 53 -22.36 2.53 1.12
C VAL B 53 -23.68 3.25 1.33
N PRO B 54 -23.70 4.58 1.31
CA PRO B 54 -24.97 5.31 1.46
C PRO B 54 -25.81 5.22 0.19
N ARG B 55 -27.12 5.07 0.37
CA ARG B 55 -27.98 4.84 -0.77
C ARG B 55 -28.26 6.14 -1.53
N ASP B 56 -28.63 5.98 -2.81
CA ASP B 56 -29.22 7.09 -3.54
C ASP B 56 -30.67 7.27 -3.13
N ALA B 57 -31.50 6.27 -3.41
CA ALA B 57 -32.92 6.34 -3.08
C ALA B 57 -33.35 4.92 -2.73
N GLY B 58 -33.91 4.75 -1.54
CA GLY B 58 -34.27 3.42 -1.09
C GLY B 58 -34.81 3.45 0.32
N ASN B 59 -35.36 2.32 0.74
CA ASN B 59 -36.04 2.23 2.02
C ASN B 59 -35.70 0.89 2.67
N ILE B 60 -34.96 0.94 3.77
CA ILE B 60 -34.63 -0.24 4.58
C ILE B 60 -35.38 -0.15 5.88
N ILE B 61 -36.18 -1.16 6.20
CA ILE B 61 -36.86 -1.22 7.48
C ILE B 61 -36.57 -2.55 8.16
N ILE B 62 -36.16 -2.52 9.42
CA ILE B 62 -36.04 -3.77 10.21
C ILE B 62 -37.34 -3.93 10.98
N ASP B 63 -38.35 -4.43 10.26
CA ASP B 63 -39.59 -5.03 10.73
C ASP B 63 -40.57 -4.06 11.38
N ASP B 64 -40.13 -2.90 11.84
CA ASP B 64 -41.09 -1.88 12.26
C ASP B 64 -40.71 -0.47 11.84
N ASP B 65 -39.44 -0.15 11.62
CA ASP B 65 -39.00 1.23 11.68
C ASP B 65 -37.97 1.51 10.60
N ASP B 66 -37.99 2.74 10.08
CA ASP B 66 -37.04 3.15 9.05
C ASP B 66 -35.65 3.32 9.66
N ILE B 67 -34.67 2.64 9.09
CA ILE B 67 -33.27 2.78 9.47
C ILE B 67 -32.40 3.18 8.28
N SER B 68 -33.03 3.56 7.16
CA SER B 68 -32.30 3.73 5.91
C SER B 68 -31.41 4.97 5.89
N LEU B 69 -31.63 5.92 6.79
CA LEU B 69 -30.83 7.14 6.83
C LEU B 69 -29.75 7.07 7.90
N LEU B 70 -29.54 5.91 8.48
CA LEU B 70 -28.63 5.70 9.59
C LEU B 70 -27.27 5.21 9.08
N PRO B 71 -26.19 5.44 9.83
CA PRO B 71 -24.91 4.82 9.47
C PRO B 71 -24.88 3.34 9.82
N LEU B 72 -23.76 2.67 9.56
CA LEU B 72 -23.62 1.26 9.94
C LEU B 72 -23.64 1.09 11.45
N HIS B 73 -23.01 2.03 12.16
CA HIS B 73 -22.82 1.86 13.59
C HIS B 73 -24.11 2.05 14.37
N ALA B 74 -25.04 2.84 13.84
CA ALA B 74 -26.33 2.96 14.49
C ALA B 74 -27.24 1.79 14.14
N ARG B 75 -27.02 1.16 12.98
CA ARG B 75 -27.79 -0.03 12.61
C ARG B 75 -27.41 -1.22 13.46
N ALA B 76 -26.18 -1.27 13.96
CA ALA B 76 -25.75 -2.37 14.80
C ALA B 76 -26.40 -2.35 16.18
N ARG B 77 -26.95 -1.21 16.59
CA ARG B 77 -27.68 -1.16 17.86
C ARG B 77 -29.05 -1.81 17.72
N ARG B 78 -29.68 -1.68 16.56
CA ARG B 78 -31.05 -2.13 16.35
C ARG B 78 -31.14 -3.50 15.71
N GLY B 79 -30.20 -4.40 15.98
CA GLY B 79 -30.18 -5.60 15.16
C GLY B 79 -28.88 -5.88 14.45
N ILE B 80 -28.87 -5.58 13.15
CA ILE B 80 -27.95 -6.02 12.08
C ILE B 80 -26.48 -6.11 12.49
N GLY B 81 -25.86 -7.25 12.22
CA GLY B 81 -24.47 -7.48 12.56
C GLY B 81 -23.68 -7.96 11.36
N TYR B 82 -22.51 -7.38 11.18
CA TYR B 82 -21.71 -7.52 9.97
C TYR B 82 -20.47 -8.35 10.25
N LEU B 83 -20.04 -9.11 9.24
CA LEU B 83 -18.78 -9.84 9.27
C LEU B 83 -17.97 -9.46 8.04
N PRO B 84 -16.77 -8.93 8.21
CA PRO B 84 -15.97 -8.58 7.04
C PRO B 84 -15.41 -9.83 6.37
N GLN B 85 -14.91 -9.64 5.14
CA GLN B 85 -14.36 -10.76 4.38
C GLN B 85 -13.00 -11.18 4.92
N GLU B 86 -12.08 -10.24 5.04
CA GLU B 86 -10.72 -10.56 5.43
C GLU B 86 -10.64 -10.73 6.95
N ALA B 87 -9.42 -10.92 7.44
CA ALA B 87 -9.19 -11.15 8.86
C ALA B 87 -9.40 -9.86 9.64
N SER B 88 -10.38 -9.87 10.55
CA SER B 88 -10.73 -8.68 11.30
C SER B 88 -10.73 -8.90 12.80
N ILE B 89 -9.99 -9.89 13.30
CA ILE B 89 -9.83 -10.03 14.73
C ILE B 89 -8.88 -8.94 15.21
N PHE B 90 -9.12 -8.42 16.41
CA PHE B 90 -8.24 -7.43 17.01
C PHE B 90 -6.89 -8.08 17.29
N ARG B 91 -5.84 -7.56 16.66
CA ARG B 91 -4.61 -8.33 16.51
C ARG B 91 -3.82 -8.42 17.82
N ARG B 92 -3.72 -7.32 18.56
CA ARG B 92 -2.97 -7.31 19.80
C ARG B 92 -3.95 -7.09 20.96
N LEU B 93 -4.58 -8.18 21.35
CA LEU B 93 -5.58 -8.32 22.40
C LEU B 93 -5.84 -9.81 22.51
N SER B 94 -6.15 -10.28 23.71
CA SER B 94 -6.42 -11.71 23.85
C SER B 94 -7.79 -12.03 23.28
N VAL B 95 -8.06 -13.34 23.13
CA VAL B 95 -9.33 -13.79 22.60
C VAL B 95 -10.46 -13.47 23.58
N TYR B 96 -10.21 -13.61 24.88
CA TYR B 96 -11.18 -13.21 25.87
C TYR B 96 -11.35 -11.70 25.94
N ASP B 97 -10.29 -10.94 25.67
CA ASP B 97 -10.39 -9.48 25.75
C ASP B 97 -11.24 -8.91 24.62
N ASN B 98 -10.98 -9.34 23.38
CA ASN B 98 -11.75 -8.77 22.27
C ASN B 98 -13.15 -9.37 22.18
N LEU B 99 -13.39 -10.49 22.87
CA LEU B 99 -14.77 -10.92 23.06
C LEU B 99 -15.47 -10.08 24.11
N MET B 100 -14.72 -9.50 25.04
CA MET B 100 -15.26 -8.66 26.09
C MET B 100 -15.34 -7.19 25.68
N ALA B 101 -14.44 -6.73 24.81
CA ALA B 101 -14.39 -5.32 24.42
C ALA B 101 -15.62 -4.89 23.64
N VAL B 102 -16.30 -5.85 23.00
CA VAL B 102 -17.62 -5.60 22.44
C VAL B 102 -18.71 -5.77 23.50
N LEU B 103 -18.54 -6.72 24.41
CA LEU B 103 -19.51 -7.01 25.45
C LEU B 103 -19.61 -5.91 26.51
N GLN B 104 -18.64 -4.99 26.55
CA GLN B 104 -18.64 -3.88 27.48
C GLN B 104 -19.55 -2.74 27.04
N ILE B 105 -20.11 -2.83 25.84
CA ILE B 105 -20.89 -1.74 25.26
C ILE B 105 -22.40 -1.95 25.42
N ARG B 106 -22.89 -3.19 25.35
CA ARG B 106 -24.31 -3.46 25.51
C ARG B 106 -24.77 -3.10 26.91
N ASP B 107 -25.63 -2.08 27.00
CA ASP B 107 -25.95 -1.42 28.25
C ASP B 107 -27.24 -1.91 28.88
N ASP B 108 -27.75 -3.07 28.47
CA ASP B 108 -28.87 -3.69 29.17
C ASP B 108 -28.43 -4.90 29.98
N LEU B 109 -27.17 -4.92 30.39
CA LEU B 109 -26.60 -5.97 31.21
C LEU B 109 -26.01 -5.38 32.47
N SER B 110 -25.89 -6.21 33.49
CA SER B 110 -25.15 -5.86 34.70
C SER B 110 -23.75 -6.44 34.61
N ALA B 111 -22.87 -5.94 35.47
CA ALA B 111 -21.44 -6.22 35.34
C ALA B 111 -21.09 -7.67 35.68
N GLU B 112 -21.97 -8.39 36.35
CA GLU B 112 -21.80 -9.80 36.56
C GLU B 112 -22.53 -10.63 35.51
N GLN B 113 -23.30 -10.00 34.62
CA GLN B 113 -23.85 -10.70 33.47
C GLN B 113 -22.91 -10.67 32.28
N ARG B 114 -21.90 -9.81 32.30
CA ARG B 114 -20.88 -9.83 31.25
C ARG B 114 -20.04 -11.10 31.34
N GLU B 115 -19.72 -11.53 32.56
CA GLU B 115 -18.82 -12.65 32.71
C GLU B 115 -19.52 -13.99 32.49
N ASP B 116 -20.84 -14.06 32.70
CA ASP B 116 -21.53 -15.30 32.36
C ASP B 116 -21.73 -15.41 30.85
N ARG B 117 -22.07 -14.30 30.20
CA ARG B 117 -22.36 -14.34 28.77
C ARG B 117 -21.08 -14.57 27.96
N ALA B 118 -19.97 -13.98 28.41
CA ALA B 118 -18.69 -14.26 27.75
C ALA B 118 -18.26 -15.71 27.97
N ASN B 119 -18.57 -16.28 29.13
CA ASN B 119 -18.25 -17.68 29.35
C ASN B 119 -19.22 -18.60 28.63
N GLU B 120 -20.44 -18.12 28.34
CA GLU B 120 -21.37 -18.91 27.56
C GLU B 120 -21.00 -18.98 26.09
N LEU B 121 -20.17 -18.05 25.61
CA LEU B 121 -19.76 -18.02 24.22
C LEU B 121 -18.47 -18.79 23.98
N MET B 122 -17.60 -18.89 24.98
CA MET B 122 -16.39 -19.69 24.81
C MET B 122 -16.70 -21.18 24.90
N GLU B 123 -17.72 -21.55 25.67
CA GLU B 123 -18.11 -22.96 25.75
C GLU B 123 -18.89 -23.36 24.50
N GLU B 124 -19.62 -22.43 23.91
CA GLU B 124 -20.47 -22.76 22.77
C GLU B 124 -19.65 -22.98 21.51
N PHE B 125 -18.61 -22.18 21.30
CA PHE B 125 -17.83 -22.23 20.08
C PHE B 125 -16.50 -22.96 20.26
N HIS B 126 -16.28 -23.60 21.42
CA HIS B 126 -15.07 -24.37 21.74
C HIS B 126 -13.81 -23.51 21.71
N ILE B 127 -13.87 -22.35 22.36
CA ILE B 127 -12.72 -21.46 22.52
C ILE B 127 -12.33 -21.31 23.99
N GLU B 128 -12.80 -22.19 24.87
CA GLU B 128 -12.40 -22.11 26.28
C GLU B 128 -10.93 -22.46 26.44
N HIS B 129 -10.39 -23.28 25.54
CA HIS B 129 -8.96 -23.60 25.56
C HIS B 129 -8.10 -22.49 24.98
N LEU B 130 -8.70 -21.40 24.51
CA LEU B 130 -7.99 -20.20 24.09
C LEU B 130 -8.67 -19.00 24.76
N ARG B 131 -8.29 -18.70 25.99
CA ARG B 131 -8.81 -17.53 26.67
C ARG B 131 -7.71 -16.55 27.07
N ASP B 132 -6.45 -16.92 26.89
CA ASP B 132 -5.34 -16.02 27.13
C ASP B 132 -4.52 -15.72 25.89
N SER B 133 -4.63 -16.51 24.84
CA SER B 133 -3.81 -16.34 23.66
C SER B 133 -4.24 -15.10 22.88
N MET B 134 -3.27 -14.34 22.40
CA MET B 134 -3.56 -13.12 21.68
C MET B 134 -4.05 -13.44 20.27
N GLY B 135 -4.37 -12.38 19.53
CA GLY B 135 -4.61 -12.50 18.11
C GLY B 135 -3.31 -12.73 17.35
N GLN B 136 -3.43 -12.72 16.02
CA GLN B 136 -2.38 -12.98 15.02
C GLN B 136 -1.60 -14.29 15.27
N SER B 137 -2.20 -15.23 16.01
CA SER B 137 -1.57 -16.50 16.32
C SER B 137 -2.58 -17.63 16.25
N LEU B 138 -3.57 -17.51 15.37
CA LEU B 138 -4.62 -18.50 15.23
C LEU B 138 -4.71 -18.91 13.77
N SER B 139 -5.48 -19.95 13.51
CA SER B 139 -5.62 -20.49 12.17
C SER B 139 -6.92 -20.04 11.53
N GLY B 140 -7.08 -20.39 10.25
CA GLY B 140 -8.24 -19.94 9.49
C GLY B 140 -9.54 -20.58 9.94
N GLY B 141 -9.47 -21.69 10.66
CA GLY B 141 -10.61 -22.27 11.33
C GLY B 141 -10.71 -21.92 12.78
N GLU B 142 -9.68 -21.30 13.36
CA GLU B 142 -9.69 -20.84 14.74
C GLU B 142 -9.99 -19.35 14.85
N ARG B 143 -9.43 -18.53 13.96
CA ARG B 143 -9.74 -17.10 13.93
C ARG B 143 -11.16 -16.84 13.48
N ARG B 144 -11.67 -17.61 12.52
CA ARG B 144 -13.04 -17.49 12.06
C ARG B 144 -14.06 -17.82 13.14
N ARG B 145 -13.72 -18.72 14.08
CA ARG B 145 -14.61 -18.99 15.20
C ARG B 145 -14.74 -17.80 16.13
N VAL B 146 -13.65 -17.07 16.34
CA VAL B 146 -13.67 -15.91 17.23
C VAL B 146 -14.39 -14.73 16.58
N GLU B 147 -14.19 -14.57 15.26
CA GLU B 147 -14.83 -13.47 14.52
C GLU B 147 -16.35 -13.56 14.55
N ILE B 148 -16.91 -14.77 14.65
CA ILE B 148 -18.33 -14.91 14.88
C ILE B 148 -18.67 -14.85 16.36
N ALA B 149 -17.81 -15.36 17.24
CA ALA B 149 -18.09 -15.40 18.68
C ALA B 149 -18.08 -14.04 19.34
N ARG B 150 -17.58 -12.99 18.69
CA ARG B 150 -17.70 -11.64 19.22
C ARG B 150 -18.67 -10.77 18.43
N ALA B 151 -19.01 -11.15 17.20
CA ALA B 151 -20.08 -10.46 16.50
C ALA B 151 -21.44 -11.04 16.85
N LEU B 152 -21.46 -12.17 17.57
CA LEU B 152 -22.66 -12.67 18.20
C LEU B 152 -22.84 -12.08 19.60
N ALA B 153 -21.78 -11.51 20.17
CA ALA B 153 -21.83 -10.93 21.51
C ALA B 153 -22.48 -9.55 21.54
N ALA B 154 -22.75 -8.96 20.38
CA ALA B 154 -23.43 -7.68 20.31
C ALA B 154 -24.94 -7.81 20.33
N ASN B 155 -25.44 -9.01 20.62
CA ASN B 155 -26.86 -9.36 20.53
C ASN B 155 -27.51 -8.96 19.21
N PRO B 156 -27.18 -9.60 18.10
CA PRO B 156 -27.71 -9.19 16.82
C PRO B 156 -28.95 -9.98 16.43
N LYS B 157 -29.62 -9.47 15.40
CA LYS B 157 -30.54 -10.25 14.59
C LYS B 157 -30.11 -10.06 13.15
N PHE B 158 -30.14 -11.15 12.38
CA PHE B 158 -29.67 -11.21 10.99
C PHE B 158 -28.19 -10.82 10.88
N ILE B 159 -27.33 -11.70 11.39
CA ILE B 159 -25.94 -11.67 10.95
C ILE B 159 -25.90 -11.88 9.45
N LEU B 160 -25.17 -11.03 8.75
CA LEU B 160 -25.07 -11.12 7.30
C LEU B 160 -23.60 -11.16 6.92
N LEU B 161 -23.16 -12.35 6.48
CA LEU B 161 -21.75 -12.62 6.26
C LEU B 161 -21.32 -12.18 4.87
N ASP B 162 -20.03 -11.91 4.71
CA ASP B 162 -19.47 -11.39 3.47
C ASP B 162 -18.35 -12.32 3.00
N GLU B 163 -18.63 -13.08 1.95
CA GLU B 163 -17.76 -14.08 1.30
C GLU B 163 -17.14 -15.05 2.30
N PRO B 164 -17.93 -15.80 3.07
CA PRO B 164 -17.31 -16.64 4.10
C PRO B 164 -16.89 -18.00 3.60
N PHE B 165 -16.38 -18.07 2.38
CA PHE B 165 -15.61 -19.21 1.92
C PHE B 165 -14.24 -18.78 1.44
N ALA B 166 -14.19 -17.74 0.59
CA ALA B 166 -13.06 -16.85 0.33
C ALA B 166 -11.75 -17.54 -0.04
N GLY B 167 -11.78 -18.82 -0.39
CA GLY B 167 -10.55 -19.55 -0.60
C GLY B 167 -10.22 -20.37 0.62
N VAL B 168 -10.59 -21.64 0.59
CA VAL B 168 -10.41 -22.58 1.69
C VAL B 168 -10.61 -23.98 1.10
N ASP B 169 -9.94 -24.97 1.67
CA ASP B 169 -10.03 -26.32 1.14
C ASP B 169 -11.40 -26.94 1.46
N PRO B 170 -11.86 -27.91 0.67
CA PRO B 170 -13.22 -28.44 0.88
C PRO B 170 -13.43 -29.25 2.15
N ILE B 171 -12.38 -29.56 2.92
CA ILE B 171 -12.59 -30.17 4.23
C ILE B 171 -12.97 -29.14 5.28
N SER B 172 -12.61 -27.87 5.08
CA SER B 172 -12.95 -26.83 6.03
C SER B 172 -14.16 -26.02 5.61
N VAL B 173 -14.97 -26.51 4.66
CA VAL B 173 -16.29 -25.94 4.44
C VAL B 173 -17.37 -26.76 5.11
N ILE B 174 -17.03 -27.94 5.63
CA ILE B 174 -18.04 -28.74 6.32
C ILE B 174 -18.30 -28.25 7.73
N ASP B 175 -17.47 -27.34 8.25
CA ASP B 175 -17.73 -26.73 9.54
C ASP B 175 -18.08 -25.25 9.43
N ILE B 176 -17.66 -24.58 8.36
CA ILE B 176 -18.17 -23.24 8.07
C ILE B 176 -19.66 -23.31 7.78
N LYS B 177 -20.10 -24.35 7.08
CA LYS B 177 -21.52 -24.61 6.92
C LYS B 177 -22.17 -25.06 8.22
N ARG B 178 -21.42 -25.60 9.19
CA ARG B 178 -22.03 -26.02 10.44
C ARG B 178 -22.28 -24.87 11.41
N ILE B 179 -21.36 -23.92 11.50
CA ILE B 179 -21.62 -22.75 12.33
C ILE B 179 -22.59 -21.79 11.66
N ILE B 180 -22.79 -21.90 10.34
CA ILE B 180 -23.84 -21.11 9.68
C ILE B 180 -25.20 -21.74 9.91
N GLU B 181 -25.31 -23.06 9.79
CA GLU B 181 -26.56 -23.72 10.16
C GLU B 181 -26.80 -23.72 11.66
N HIS B 182 -25.80 -23.41 12.47
CA HIS B 182 -26.03 -23.20 13.89
C HIS B 182 -26.76 -21.89 14.15
N LEU B 183 -26.46 -20.85 13.36
CA LEU B 183 -27.06 -19.55 13.60
C LEU B 183 -28.50 -19.49 13.14
N ARG B 184 -28.90 -20.40 12.24
CA ARG B 184 -30.32 -20.53 11.92
C ARG B 184 -31.10 -21.12 13.10
N ASP B 185 -30.45 -21.98 13.88
CA ASP B 185 -31.08 -22.60 15.04
C ASP B 185 -30.95 -21.76 16.30
N SER B 186 -30.74 -20.45 16.15
CA SER B 186 -30.86 -19.54 17.27
C SER B 186 -31.74 -18.35 16.92
N GLY B 187 -32.35 -18.33 15.74
CA GLY B 187 -33.26 -17.27 15.35
C GLY B 187 -32.59 -16.06 14.76
N LEU B 188 -31.65 -16.25 13.83
CA LEU B 188 -30.93 -15.14 13.21
C LEU B 188 -30.87 -15.41 11.71
N GLY B 189 -31.58 -14.60 10.93
CA GLY B 189 -31.66 -14.82 9.50
C GLY B 189 -30.43 -14.43 8.72
N VAL B 190 -29.68 -15.41 8.26
CA VAL B 190 -28.36 -15.18 7.68
C VAL B 190 -28.47 -14.76 6.22
N LEU B 191 -27.69 -13.76 5.83
CA LEU B 191 -27.61 -13.30 4.44
C LEU B 191 -26.18 -13.50 3.95
N ILE B 192 -25.95 -14.53 3.15
CA ILE B 192 -24.64 -14.88 2.62
C ILE B 192 -24.51 -14.33 1.20
N THR B 193 -23.31 -13.89 0.84
CA THR B 193 -23.03 -13.39 -0.50
C THR B 193 -21.58 -13.68 -0.86
N ASP B 194 -21.34 -14.33 -2.00
CA ASP B 194 -19.98 -14.72 -2.35
C ASP B 194 -19.88 -15.10 -3.82
N HIS B 195 -18.72 -15.66 -4.17
CA HIS B 195 -18.32 -16.18 -5.47
C HIS B 195 -18.58 -17.68 -5.60
N ASN B 196 -18.55 -18.40 -4.47
CA ASN B 196 -18.56 -19.86 -4.50
C ASN B 196 -20.00 -20.34 -4.58
N VAL B 197 -20.46 -20.58 -5.80
CA VAL B 197 -21.87 -20.84 -6.02
C VAL B 197 -22.25 -22.31 -5.91
N ARG B 198 -21.29 -23.21 -5.79
CA ARG B 198 -21.62 -24.62 -5.60
C ARG B 198 -21.94 -24.95 -4.16
N GLU B 199 -21.79 -24.01 -3.24
CA GLU B 199 -21.99 -24.26 -1.82
C GLU B 199 -23.16 -23.48 -1.23
N THR B 200 -23.35 -22.23 -1.64
CA THR B 200 -24.45 -21.45 -1.07
C THR B 200 -25.80 -21.92 -1.59
N LEU B 201 -25.83 -22.49 -2.79
CA LEU B 201 -27.06 -23.11 -3.25
C LEU B 201 -27.35 -24.42 -2.52
N ALA B 202 -26.38 -24.96 -1.79
CA ALA B 202 -26.63 -26.12 -0.95
C ALA B 202 -27.09 -25.71 0.45
N VAL B 203 -26.66 -24.56 0.94
CA VAL B 203 -26.96 -24.19 2.32
C VAL B 203 -28.21 -23.30 2.40
N CYS B 204 -28.56 -22.59 1.34
CA CYS B 204 -29.63 -21.61 1.44
C CYS B 204 -30.99 -22.27 1.33
N GLU B 205 -32.02 -21.51 1.74
CA GLU B 205 -33.40 -21.89 1.52
C GLU B 205 -34.00 -21.21 0.31
N ARG B 206 -33.52 -20.01 -0.01
CA ARG B 206 -33.93 -19.27 -1.20
C ARG B 206 -32.85 -18.26 -1.52
N ALA B 207 -32.61 -18.03 -2.81
CA ALA B 207 -31.54 -17.13 -3.23
C ALA B 207 -32.12 -15.94 -3.99
N TYR B 208 -31.30 -14.90 -4.11
CA TYR B 208 -31.67 -13.68 -4.83
C TYR B 208 -30.58 -13.42 -5.87
N ILE B 209 -30.75 -13.95 -7.07
CA ILE B 209 -29.79 -13.70 -8.13
C ILE B 209 -30.08 -12.33 -8.72
N VAL B 210 -29.15 -11.40 -8.55
CA VAL B 210 -29.23 -10.08 -9.15
C VAL B 210 -28.10 -9.98 -10.17
N SER B 211 -28.37 -9.39 -11.32
CA SER B 211 -27.43 -9.28 -12.42
C SER B 211 -27.81 -8.14 -13.33
N GLN B 212 -26.80 -7.36 -13.74
CA GLN B 212 -26.94 -6.24 -14.68
C GLN B 212 -27.96 -5.22 -14.18
N GLY B 213 -27.83 -4.82 -12.93
CA GLY B 213 -28.82 -3.92 -12.38
C GLY B 213 -29.94 -4.61 -11.63
N HIS B 214 -31.04 -4.91 -12.31
CA HIS B 214 -32.25 -5.36 -11.64
C HIS B 214 -32.14 -6.82 -11.21
N LEU B 215 -32.99 -7.19 -10.25
CA LEU B 215 -33.07 -8.56 -9.77
C LEU B 215 -33.76 -9.44 -10.80
N ILE B 216 -33.09 -10.52 -11.21
CA ILE B 216 -33.57 -11.29 -12.34
C ILE B 216 -34.38 -12.53 -11.97
N ALA B 217 -34.19 -13.09 -10.78
CA ALA B 217 -34.96 -14.24 -10.31
C ALA B 217 -34.77 -14.36 -8.81
N HIS B 218 -35.67 -15.11 -8.19
CA HIS B 218 -35.60 -15.40 -6.75
C HIS B 218 -36.40 -16.65 -6.47
N GLY B 219 -36.07 -17.32 -5.39
CA GLY B 219 -36.80 -18.49 -4.95
C GLY B 219 -35.87 -19.58 -4.51
N THR B 220 -36.47 -20.76 -4.26
CA THR B 220 -35.78 -21.96 -3.81
C THR B 220 -34.70 -22.36 -4.81
N PRO B 221 -33.54 -22.84 -4.33
CA PRO B 221 -32.45 -23.19 -5.25
C PRO B 221 -32.76 -24.33 -6.21
N THR B 222 -33.78 -25.14 -5.96
CA THR B 222 -34.20 -26.11 -6.96
C THR B 222 -35.05 -25.47 -8.06
N GLU B 223 -35.58 -24.26 -7.82
CA GLU B 223 -36.20 -23.48 -8.87
C GLU B 223 -35.20 -22.62 -9.62
N ILE B 224 -34.03 -22.38 -9.01
CA ILE B 224 -33.01 -21.58 -9.66
C ILE B 224 -32.38 -22.34 -10.81
N LEU B 225 -32.01 -23.60 -10.57
CA LEU B 225 -31.38 -24.40 -11.62
C LEU B 225 -32.38 -24.79 -12.70
N GLN B 226 -33.65 -24.88 -12.35
CA GLN B 226 -34.70 -25.13 -13.33
C GLN B 226 -34.95 -23.92 -14.23
N ASP B 227 -34.65 -22.71 -13.75
CA ASP B 227 -34.89 -21.50 -14.51
C ASP B 227 -33.92 -21.39 -15.68
N GLU B 228 -34.43 -20.90 -16.81
CA GLU B 228 -33.62 -20.71 -18.01
C GLU B 228 -33.05 -19.31 -18.13
N HIS B 229 -33.69 -18.31 -17.54
CA HIS B 229 -33.25 -16.93 -17.69
C HIS B 229 -31.98 -16.63 -16.91
N VAL B 230 -31.75 -17.28 -15.78
CA VAL B 230 -30.48 -17.09 -15.11
C VAL B 230 -29.37 -17.77 -15.89
N LYS B 231 -29.69 -18.86 -16.61
CA LYS B 231 -28.72 -19.76 -17.23
C LYS B 231 -27.96 -19.14 -18.39
N ARG B 232 -28.33 -17.95 -18.85
CA ARG B 232 -27.64 -17.30 -19.95
C ARG B 232 -26.55 -16.36 -19.48
N VAL B 233 -26.68 -15.80 -18.28
CA VAL B 233 -25.70 -14.88 -17.73
C VAL B 233 -24.78 -15.57 -16.73
N TYR B 234 -25.25 -16.64 -16.10
CA TYR B 234 -24.57 -17.23 -14.95
C TYR B 234 -25.09 -18.65 -14.74
N LEU B 235 -24.21 -19.55 -14.27
CA LEU B 235 -24.47 -21.00 -14.18
C LEU B 235 -24.84 -21.59 -15.54
N GLY B 236 -23.86 -21.64 -16.44
CA GLY B 236 -24.02 -22.24 -17.76
C GLY B 236 -24.52 -23.67 -17.78
N GLU B 237 -23.70 -24.62 -17.30
CA GLU B 237 -24.02 -26.05 -17.30
C GLU B 237 -23.72 -26.66 -15.94
N ASP B 238 -24.27 -26.07 -14.87
CA ASP B 238 -23.83 -26.30 -13.50
C ASP B 238 -23.97 -27.75 -13.02
N PHE B 239 -25.21 -28.22 -12.80
CA PHE B 239 -25.59 -29.63 -12.56
C PHE B 239 -27.10 -29.73 -12.44
N ILE C 2 -11.89 -0.79 27.60
CA ILE C 2 -10.92 -1.75 27.07
C ILE C 2 -10.48 -1.31 25.69
N ILE C 3 -11.46 -1.00 24.84
CA ILE C 3 -11.18 -0.58 23.47
C ILE C 3 -10.55 0.82 23.42
N ILE C 4 -10.72 1.62 24.46
CA ILE C 4 -9.93 2.85 24.56
C ILE C 4 -8.51 2.54 25.04
N ARG C 5 -8.37 1.64 26.02
CA ARG C 5 -7.05 1.23 26.47
C ARG C 5 -6.30 0.44 25.41
N TYR C 6 -6.98 -0.11 24.42
CA TYR C 6 -6.30 -0.72 23.28
C TYR C 6 -5.80 0.34 22.31
N LEU C 7 -6.58 1.41 22.13
CA LEU C 7 -6.20 2.45 21.17
C LEU C 7 -5.08 3.32 21.72
N VAL C 8 -5.11 3.62 23.02
CA VAL C 8 -4.07 4.47 23.60
C VAL C 8 -2.75 3.71 23.68
N ARG C 9 -2.80 2.43 24.04
CA ARG C 9 -1.59 1.63 24.13
C ARG C 9 -0.98 1.33 22.77
N GLU C 10 -1.75 1.42 21.69
CA GLU C 10 -1.25 1.12 20.37
C GLU C 10 -0.65 2.33 19.66
N THR C 11 -1.27 3.50 19.80
CA THR C 11 -0.69 4.72 19.27
C THR C 11 0.53 5.19 20.04
N LEU C 12 0.62 4.85 21.33
CA LEU C 12 1.74 5.30 22.15
C LEU C 12 3.03 4.60 21.80
N LYS C 13 2.96 3.33 21.40
CA LYS C 13 4.17 2.65 20.92
C LYS C 13 4.57 3.14 19.54
N SER C 14 3.66 3.77 18.81
CA SER C 14 4.00 4.44 17.57
C SER C 14 4.16 5.94 17.72
N GLN C 15 3.92 6.48 18.92
CA GLN C 15 4.25 7.87 19.19
C GLN C 15 5.59 8.02 19.87
N LEU C 16 5.95 7.07 20.76
CA LEU C 16 7.28 7.05 21.36
C LEU C 16 8.32 6.43 20.44
N ALA C 17 7.95 6.06 19.21
CA ALA C 17 8.91 5.63 18.20
C ALA C 17 9.20 6.69 17.17
N ILE C 18 8.21 7.53 16.83
CA ILE C 18 8.47 8.68 15.98
C ILE C 18 9.29 9.72 16.73
N LEU C 19 9.14 9.80 18.07
CA LEU C 19 9.88 10.77 18.86
C LEU C 19 11.38 10.52 18.86
N PHE C 20 11.82 9.29 18.57
CA PHE C 20 13.23 9.01 18.40
C PHE C 20 13.60 8.80 16.94
N ILE C 21 12.66 8.97 16.03
CA ILE C 21 12.96 8.97 14.60
C ILE C 21 12.98 10.40 14.06
N LEU C 22 11.98 11.20 14.42
CA LEU C 22 11.94 12.62 14.09
C LEU C 22 12.99 13.41 14.83
N LEU C 23 13.57 12.85 15.90
CA LEU C 23 14.67 13.46 16.60
C LEU C 23 15.95 13.48 15.77
N LEU C 24 16.24 12.40 15.05
CA LEU C 24 17.46 12.34 14.24
C LEU C 24 17.40 13.28 13.05
N ILE C 25 16.19 13.45 12.48
CA ILE C 25 15.98 14.43 11.42
C ILE C 25 16.24 15.84 11.92
N PHE C 26 15.79 16.16 13.12
CA PHE C 26 16.00 17.49 13.68
C PHE C 26 17.40 17.66 14.26
N PHE C 27 18.00 16.59 14.77
CA PHE C 27 19.37 16.69 15.28
C PHE C 27 20.36 16.92 14.15
N CYS C 28 20.17 16.24 13.04
CA CYS C 28 21.07 16.42 11.89
C CYS C 28 20.87 17.79 11.27
N GLN C 29 19.62 18.24 11.17
CA GLN C 29 19.34 19.55 10.58
C GLN C 29 19.83 20.67 11.49
N LYS C 30 19.76 20.48 12.81
CA LYS C 30 20.39 21.42 13.72
C LYS C 30 21.91 21.32 13.69
N LEU C 31 22.46 20.24 13.14
CA LEU C 31 23.90 20.07 13.02
C LEU C 31 24.42 20.56 11.68
N VAL C 32 23.57 20.67 10.66
CA VAL C 32 23.96 21.30 9.41
C VAL C 32 24.19 22.79 9.60
N ARG C 33 23.26 23.49 10.24
CA ARG C 33 23.41 24.93 10.42
C ARG C 33 24.45 25.29 11.45
N ILE C 34 24.79 24.38 12.37
CA ILE C 34 25.80 24.70 13.37
C ILE C 34 27.20 24.55 12.82
N LEU C 35 27.38 23.82 11.71
CA LEU C 35 28.70 23.72 11.09
C LEU C 35 29.01 24.92 10.21
N GLY C 36 27.98 25.63 9.75
CA GLY C 36 28.22 26.86 9.00
C GLY C 36 28.76 27.98 9.87
N ALA C 37 28.41 27.97 11.14
CA ALA C 37 28.95 28.91 12.11
C ALA C 37 30.09 28.32 12.93
N ALA C 38 30.73 27.26 12.44
CA ALA C 38 31.87 26.67 13.09
C ALA C 38 33.01 26.35 12.16
N VAL C 39 32.80 26.35 10.84
CA VAL C 39 33.89 26.19 9.90
C VAL C 39 34.34 27.59 9.52
N ASP C 40 33.49 28.58 9.82
CA ASP C 40 33.78 29.98 9.53
C ASP C 40 33.43 30.89 10.70
N GLY C 41 32.70 30.42 11.68
CA GLY C 41 32.30 31.21 12.83
C GLY C 41 33.23 31.02 14.00
N ASP C 42 32.65 30.70 15.16
CA ASP C 42 33.44 30.49 16.36
C ASP C 42 34.25 29.20 16.26
N ILE C 43 35.35 29.15 17.01
CA ILE C 43 36.30 28.04 16.92
C ILE C 43 35.71 26.80 17.58
N PRO C 44 35.66 25.65 16.86
CA PRO C 44 34.98 24.46 17.37
C PRO C 44 35.85 23.49 18.17
N ALA C 45 36.59 24.02 19.14
CA ALA C 45 37.33 23.17 20.08
C ALA C 45 36.51 22.87 21.34
N ASN C 46 35.21 23.13 21.26
CA ASN C 46 34.31 23.30 22.38
C ASN C 46 32.89 22.96 21.94
N LEU C 47 31.94 23.76 22.41
CA LEU C 47 30.50 23.56 22.56
C LEU C 47 29.70 22.73 21.55
N VAL C 48 30.21 22.48 20.35
CA VAL C 48 29.49 21.88 19.20
C VAL C 48 28.69 20.62 19.55
N LEU C 49 29.17 19.83 20.50
CA LEU C 49 28.32 18.77 21.04
C LEU C 49 27.32 19.32 22.05
N SER C 50 27.79 20.15 22.99
CA SER C 50 26.94 20.62 24.07
C SER C 50 26.00 21.75 23.67
N LEU C 51 26.33 22.52 22.62
CA LEU C 51 25.39 23.52 22.12
C LEU C 51 24.22 22.86 21.41
N LEU C 52 24.47 21.75 20.72
CA LEU C 52 23.41 20.95 20.14
C LEU C 52 22.50 20.35 21.20
N GLY C 53 23.02 20.03 22.38
CA GLY C 53 22.19 19.54 23.47
C GLY C 53 21.36 20.60 24.16
N LEU C 54 21.61 21.87 23.85
CA LEU C 54 20.78 22.97 24.34
C LEU C 54 19.81 23.48 23.29
N GLY C 55 19.67 22.77 22.18
CA GLY C 55 18.71 23.14 21.16
C GLY C 55 17.50 22.25 21.17
N VAL C 56 17.60 21.13 21.90
CA VAL C 56 16.50 20.16 21.98
C VAL C 56 15.23 20.71 22.63
N PRO C 57 15.21 21.57 23.67
CA PRO C 57 13.89 22.08 24.10
C PRO C 57 13.36 23.19 23.22
N GLU C 58 14.14 23.69 22.27
CA GLU C 58 13.62 24.60 21.27
C GLU C 58 13.06 23.85 20.08
N MET C 59 13.72 22.77 19.64
CA MET C 59 13.16 21.94 18.58
C MET C 59 12.06 21.02 19.07
N ALA C 60 11.83 20.93 20.38
CA ALA C 60 10.71 20.17 20.89
C ALA C 60 9.38 20.90 20.76
N GLN C 61 9.39 22.17 20.36
CA GLN C 61 8.15 22.90 20.13
C GLN C 61 7.45 22.48 18.85
N LEU C 62 8.15 21.82 17.94
CA LEU C 62 7.53 21.31 16.72
C LEU C 62 7.37 19.80 16.71
N ILE C 63 8.36 19.05 17.20
CA ILE C 63 8.26 17.59 17.12
C ILE C 63 7.34 16.99 18.17
N LEU C 64 6.94 17.74 19.19
CA LEU C 64 5.94 17.23 20.13
C LEU C 64 4.51 17.35 19.63
N PRO C 65 4.07 18.43 18.95
CA PRO C 65 2.76 18.33 18.28
C PRO C 65 2.79 17.46 17.05
N LEU C 66 3.93 17.36 16.38
CA LEU C 66 4.00 16.58 15.14
C LEU C 66 3.99 15.08 15.40
N SER C 67 4.60 14.62 16.49
CA SER C 67 4.65 13.18 16.75
C SER C 67 3.28 12.64 17.14
N LEU C 68 2.42 13.47 17.71
CA LEU C 68 1.05 13.00 17.93
C LEU C 68 0.25 13.03 16.63
N PHE C 69 0.46 14.06 15.81
CA PHE C 69 -0.22 14.16 14.53
C PHE C 69 0.19 13.02 13.61
N LEU C 70 1.50 12.77 13.54
CA LEU C 70 1.98 11.68 12.70
C LEU C 70 1.74 10.32 13.34
N GLY C 71 1.58 10.27 14.66
CA GLY C 71 1.31 9.01 15.32
C GLY C 71 -0.11 8.51 15.10
N LEU C 72 -1.08 9.41 15.10
CA LEU C 72 -2.46 9.01 14.83
C LEU C 72 -2.70 8.69 13.36
N LEU C 73 -1.86 9.17 12.45
CA LEU C 73 -2.02 8.80 11.05
C LEU C 73 -1.51 7.39 10.81
N MET C 74 -0.38 7.04 11.43
CA MET C 74 0.22 5.74 11.17
C MET C 74 -0.58 4.61 11.81
N THR C 75 -1.24 4.87 12.94
CA THR C 75 -1.99 3.81 13.60
C THR C 75 -3.37 3.63 13.00
N LEU C 76 -4.12 4.73 12.83
CA LEU C 76 -5.44 4.63 12.24
C LEU C 76 -5.37 4.23 10.78
N GLY C 77 -4.29 4.59 10.09
CA GLY C 77 -4.07 4.03 8.77
C GLY C 77 -3.80 2.54 8.81
N LYS C 78 -3.11 2.08 9.85
CA LYS C 78 -2.84 0.66 10.02
C LYS C 78 -4.06 -0.14 10.42
N LEU C 79 -4.99 0.46 11.16
CA LEU C 79 -6.16 -0.26 11.65
C LEU C 79 -7.35 -0.23 10.70
N TYR C 80 -7.36 0.68 9.72
CA TYR C 80 -8.42 0.65 8.73
C TYR C 80 -8.16 -0.43 7.69
N THR C 81 -6.92 -0.52 7.20
CA THR C 81 -6.60 -1.48 6.14
C THR C 81 -6.57 -2.92 6.63
N GLU C 82 -6.48 -3.17 7.94
CA GLU C 82 -6.66 -4.52 8.46
C GLU C 82 -8.11 -4.80 8.82
N SER C 83 -9.03 -3.89 8.46
CA SER C 83 -10.47 -3.99 8.71
C SER C 83 -10.79 -4.14 10.20
N GLU C 84 -10.03 -3.46 11.06
CA GLU C 84 -10.29 -3.49 12.49
C GLU C 84 -11.17 -2.35 12.97
N ILE C 85 -11.30 -1.28 12.20
CA ILE C 85 -12.16 -0.16 12.61
C ILE C 85 -13.49 -0.30 11.89
N THR C 86 -13.50 -0.88 10.69
CA THR C 86 -14.76 -1.22 10.05
C THR C 86 -15.50 -2.30 10.83
N VAL C 87 -14.78 -3.19 11.51
CA VAL C 87 -15.43 -4.17 12.37
C VAL C 87 -15.58 -3.63 13.79
N MET C 88 -14.93 -2.50 14.11
CA MET C 88 -15.12 -1.90 15.43
C MET C 88 -16.54 -1.37 15.57
N HIS C 89 -16.99 -0.57 14.61
CA HIS C 89 -18.34 -0.04 14.65
C HIS C 89 -19.21 -0.69 13.58
N ALA C 90 -19.05 -2.00 13.41
CA ALA C 90 -20.11 -2.84 12.88
C ALA C 90 -20.73 -3.71 13.94
N CYS C 91 -20.13 -3.75 15.14
CA CYS C 91 -20.66 -4.51 16.26
C CYS C 91 -21.10 -3.61 17.39
N GLY C 92 -21.21 -2.32 17.14
CA GLY C 92 -21.86 -1.41 18.07
C GLY C 92 -20.89 -0.61 18.92
N LEU C 93 -20.60 0.60 18.45
CA LEU C 93 -19.92 1.72 19.12
C LEU C 93 -19.92 2.82 18.06
N SER C 94 -19.47 4.01 18.43
CA SER C 94 -19.55 5.12 17.50
C SER C 94 -18.15 5.60 17.13
N LYS C 95 -18.09 6.73 16.42
CA LYS C 95 -16.83 7.40 16.16
C LYS C 95 -16.34 8.20 17.35
N ALA C 96 -17.15 8.31 18.41
CA ALA C 96 -16.72 9.05 19.59
C ALA C 96 -15.60 8.33 20.32
N VAL C 97 -15.58 6.99 20.24
CA VAL C 97 -14.51 6.24 20.90
C VAL C 97 -13.21 6.41 20.13
N LEU C 98 -13.29 6.80 18.87
CA LEU C 98 -12.12 7.19 18.12
C LEU C 98 -11.67 8.60 18.47
N VAL C 99 -12.61 9.45 18.90
CA VAL C 99 -12.29 10.80 19.36
C VAL C 99 -11.93 10.82 20.84
N LYS C 100 -12.62 10.06 21.68
CA LYS C 100 -12.26 9.94 23.09
C LYS C 100 -11.00 9.13 23.34
N ALA C 101 -10.36 8.61 22.29
CA ALA C 101 -9.02 8.04 22.41
C ALA C 101 -7.96 8.95 21.83
N ALA C 102 -8.34 9.95 21.04
CA ALA C 102 -7.38 10.90 20.52
C ALA C 102 -7.19 12.09 21.44
N MET C 103 -8.00 12.23 22.47
CA MET C 103 -7.87 13.34 23.41
C MET C 103 -7.31 12.90 24.75
N ILE C 104 -7.60 11.68 25.20
CA ILE C 104 -6.97 11.15 26.40
C ILE C 104 -5.47 10.93 26.16
N LEU C 105 -5.08 10.73 24.91
CA LEU C 105 -3.68 10.76 24.52
C LEU C 105 -3.16 12.19 24.35
N ALA C 106 -4.00 13.10 23.83
CA ALA C 106 -3.55 14.48 23.64
C ALA C 106 -3.36 15.23 24.94
N VAL C 107 -4.03 14.80 26.02
CA VAL C 107 -3.80 15.38 27.33
C VAL C 107 -2.39 15.02 27.83
N PHE C 108 -1.89 13.84 27.45
CA PHE C 108 -0.54 13.45 27.83
C PHE C 108 0.51 14.33 27.15
N THR C 109 0.33 14.59 25.85
CA THR C 109 1.32 15.36 25.11
C THR C 109 1.17 16.86 25.36
N ALA C 110 0.00 17.31 25.81
CA ALA C 110 -0.19 18.72 26.12
C ALA C 110 0.60 19.13 27.35
N ILE C 111 0.56 18.31 28.41
CA ILE C 111 1.29 18.63 29.62
C ILE C 111 2.78 18.39 29.50
N VAL C 112 3.24 17.77 28.42
CA VAL C 112 4.66 17.82 28.09
C VAL C 112 4.97 19.01 27.19
N ALA C 113 4.02 19.45 26.38
CA ALA C 113 4.24 20.64 25.57
C ALA C 113 4.19 21.91 26.40
N ALA C 114 3.34 21.94 27.43
CA ALA C 114 3.24 23.12 28.28
C ALA C 114 4.45 23.21 29.21
N VAL C 115 4.89 22.07 29.74
CA VAL C 115 6.09 22.04 30.56
C VAL C 115 7.33 22.33 29.74
N ASN C 116 7.30 22.01 28.44
CA ASN C 116 8.37 22.45 27.56
C ASN C 116 8.35 23.94 27.27
N VAL C 117 7.16 24.53 27.11
CA VAL C 117 7.08 25.92 26.69
C VAL C 117 7.04 26.86 27.89
N MET C 118 6.65 26.36 29.06
CA MET C 118 6.77 27.14 30.30
C MET C 118 7.93 26.58 31.10
N TRP C 119 8.89 27.44 31.43
CA TRP C 119 10.10 27.17 32.21
C TRP C 119 10.86 25.90 31.82
N ALA C 120 10.94 25.59 30.54
CA ALA C 120 12.00 24.70 30.05
C ALA C 120 12.74 25.30 28.86
N GLY C 121 12.03 25.95 27.95
CA GLY C 121 12.64 26.75 26.92
C GLY C 121 13.42 27.94 27.46
N PRO C 122 12.80 28.72 28.35
CA PRO C 122 13.58 29.72 29.11
C PRO C 122 14.79 29.19 29.87
N TRP C 123 14.72 27.99 30.44
CA TRP C 123 15.85 27.48 31.23
C TRP C 123 17.07 27.23 30.35
N SER C 124 16.87 26.76 29.13
CA SER C 124 18.00 26.51 28.25
C SER C 124 18.52 27.77 27.59
N SER C 125 17.63 28.70 27.24
CA SER C 125 18.06 29.93 26.59
C SER C 125 18.74 30.89 27.56
N ARG C 126 18.47 30.78 28.87
CA ARG C 126 19.33 31.43 29.86
C ARG C 126 20.70 30.79 29.93
N HIS C 127 20.79 29.48 29.74
CA HIS C 127 22.04 28.75 29.84
C HIS C 127 22.79 28.68 28.51
N GLN C 128 22.08 28.87 27.39
CA GLN C 128 22.73 28.85 26.08
C GLN C 128 23.71 30.00 25.92
N ASP C 129 23.35 31.19 26.41
CA ASP C 129 24.25 32.31 26.40
C ASP C 129 25.19 32.34 27.60
N GLU C 130 25.04 31.41 28.54
CA GLU C 130 25.93 31.29 29.68
C GLU C 130 27.16 30.43 29.37
N VAL C 131 27.22 29.87 28.15
CA VAL C 131 28.35 29.03 27.75
C VAL C 131 29.19 29.78 26.73
N LEU C 132 28.67 30.88 26.20
CA LEU C 132 29.45 31.73 25.28
C LEU C 132 30.15 32.83 26.08
N ALA C 133 31.00 32.38 27.00
CA ALA C 133 31.68 33.30 27.91
C ALA C 133 33.20 33.18 27.77
N ASP C 247 16.09 43.68 27.98
CA ASP C 247 14.79 44.23 27.67
C ASP C 247 14.18 43.37 26.57
N GLN C 248 14.59 43.62 25.33
CA GLN C 248 13.97 43.01 24.15
C GLN C 248 14.55 41.61 23.90
N MET C 249 14.32 40.73 24.86
CA MET C 249 14.81 39.36 24.73
C MET C 249 13.74 38.45 24.12
N ASP C 250 12.61 38.30 24.81
CA ASP C 250 11.40 37.58 24.42
C ASP C 250 11.60 36.08 24.23
N MET C 251 12.78 35.54 24.49
CA MET C 251 13.04 34.11 24.45
C MET C 251 13.50 33.58 25.78
N ARG C 252 14.36 34.32 26.50
CA ARG C 252 14.68 34.01 27.88
C ARG C 252 13.52 34.30 28.82
N THR C 253 12.57 35.12 28.40
CA THR C 253 11.54 35.65 29.29
C THR C 253 10.58 34.56 29.72
N LEU C 254 10.39 34.41 31.03
CA LEU C 254 9.54 33.38 31.57
C LEU C 254 8.06 33.75 31.39
N TRP C 255 7.19 32.78 31.67
CA TRP C 255 5.81 32.84 31.20
C TRP C 255 4.96 33.88 31.93
N ASN C 256 5.33 34.25 33.16
CA ASN C 256 4.55 35.22 33.91
C ASN C 256 4.73 36.62 33.34
N THR C 257 5.99 37.06 33.21
CA THR C 257 6.25 38.42 32.79
C THR C 257 6.29 38.55 31.28
N ASP C 258 5.28 38.03 30.59
CA ASP C 258 5.07 38.26 29.18
C ASP C 258 3.90 39.21 28.93
N THR C 259 3.62 40.09 29.89
CA THR C 259 2.51 41.02 29.80
C THR C 259 2.95 42.47 29.60
N ASP C 260 4.21 42.70 29.23
CA ASP C 260 4.73 44.07 29.29
C ASP C 260 4.42 44.95 28.08
N ARG C 261 4.89 44.61 26.89
CA ARG C 261 4.93 45.62 25.83
C ARG C 261 4.82 44.94 24.47
N ALA C 262 5.30 45.62 23.42
CA ALA C 262 4.85 45.50 22.02
C ALA C 262 4.85 44.10 21.44
N ARG C 263 6.01 43.44 21.39
CA ARG C 263 6.06 42.18 20.67
C ARG C 263 6.23 41.01 21.63
N ALA C 264 5.50 41.06 22.74
CA ALA C 264 5.37 39.89 23.60
C ALA C 264 4.71 38.76 22.83
N GLU C 265 5.51 37.75 22.48
CA GLU C 265 5.00 36.59 21.74
C GLU C 265 4.65 35.46 22.71
N LEU C 266 3.74 35.80 23.62
CA LEU C 266 3.03 34.85 24.46
C LEU C 266 2.11 33.96 23.65
N ASN C 267 1.71 34.40 22.46
CA ASN C 267 0.76 33.68 21.64
C ASN C 267 1.38 32.51 20.91
N TRP C 268 2.59 32.67 20.35
CA TRP C 268 3.24 31.49 19.79
C TRP C 268 3.75 30.55 20.86
N ARG C 269 3.82 30.99 22.12
CA ARG C 269 4.02 30.06 23.21
C ARG C 269 2.72 29.43 23.69
N ILE C 270 1.57 29.94 23.26
CA ILE C 270 0.30 29.35 23.65
C ILE C 270 -0.45 28.73 22.48
N THR C 271 -0.09 29.05 21.23
CA THR C 271 -0.75 28.43 20.09
C THR C 271 -0.20 27.06 19.77
N LEU C 272 0.93 26.66 20.37
CA LEU C 272 1.44 25.31 20.19
C LEU C 272 1.13 24.41 21.38
N VAL C 273 0.35 24.88 22.34
CA VAL C 273 -0.30 23.97 23.28
C VAL C 273 -1.73 23.68 22.80
N VAL C 274 -2.37 24.65 22.16
CA VAL C 274 -3.67 24.43 21.54
C VAL C 274 -3.57 23.47 20.36
N THR C 275 -2.47 23.55 19.58
CA THR C 275 -2.39 22.72 18.39
C THR C 275 -2.10 21.26 18.71
N VAL C 276 -1.73 20.94 19.94
CA VAL C 276 -1.68 19.54 20.34
C VAL C 276 -3.07 18.95 20.43
N PHE C 277 -4.04 19.73 20.94
CA PHE C 277 -5.42 19.29 21.03
C PHE C 277 -6.11 19.30 19.67
N MET C 278 -5.84 20.32 18.86
CA MET C 278 -6.60 20.53 17.65
C MET C 278 -6.13 19.67 16.48
N MET C 279 -4.84 19.36 16.41
CA MET C 279 -4.37 18.39 15.43
C MET C 279 -4.77 16.96 15.77
N ALA C 280 -5.13 16.69 17.01
CA ALA C 280 -5.70 15.41 17.39
C ALA C 280 -7.14 15.25 16.93
N LEU C 281 -7.80 16.33 16.52
CA LEU C 281 -9.17 16.26 16.03
C LEU C 281 -9.26 16.25 14.52
N MET C 282 -8.20 16.64 13.82
CA MET C 282 -8.21 16.62 12.36
C MET C 282 -7.76 15.30 11.79
N VAL C 283 -7.28 14.37 12.61
CA VAL C 283 -6.73 13.13 12.07
C VAL C 283 -7.78 12.03 12.03
N VAL C 284 -8.64 11.97 13.03
CA VAL C 284 -9.68 10.93 13.06
C VAL C 284 -10.74 11.04 11.96
N PRO C 285 -11.02 12.22 11.29
CA PRO C 285 -11.82 12.09 10.06
C PRO C 285 -11.00 12.06 8.78
N LEU C 286 -9.70 12.32 8.85
CA LEU C 286 -8.87 12.40 7.65
C LEU C 286 -7.94 11.20 7.49
N SER C 287 -7.87 10.31 8.47
CA SER C 287 -7.09 9.09 8.33
C SER C 287 -7.93 7.93 7.82
N VAL C 288 -9.15 8.20 7.32
CA VAL C 288 -9.85 7.21 6.54
C VAL C 288 -9.07 6.97 5.26
N VAL C 289 -8.92 5.72 4.87
CA VAL C 289 -8.17 5.36 3.69
C VAL C 289 -9.15 4.80 2.67
N ASN C 290 -9.14 5.34 1.47
CA ASN C 290 -9.89 4.77 0.39
C ASN C 290 -9.03 3.71 -0.30
N PRO C 291 -9.57 2.53 -0.60
CA PRO C 291 -8.77 1.53 -1.31
C PRO C 291 -8.50 1.88 -2.76
N ARG C 292 -9.25 2.83 -3.33
CA ARG C 292 -8.95 3.31 -4.68
C ARG C 292 -7.67 4.14 -4.69
N GLN C 293 -7.53 5.06 -3.72
CA GLN C 293 -6.36 5.91 -3.68
C GLN C 293 -5.13 5.23 -3.10
N GLY C 294 -5.31 4.16 -2.35
CA GLY C 294 -4.20 3.49 -1.70
C GLY C 294 -3.91 4.07 -0.33
N ARG C 295 -2.89 3.50 0.31
CA ARG C 295 -2.59 3.78 1.70
C ARG C 295 -1.68 4.98 1.91
N VAL C 296 -0.74 5.24 1.01
CA VAL C 296 0.21 6.33 1.18
C VAL C 296 -0.28 7.62 0.55
N LEU C 297 -1.29 7.57 -0.30
CA LEU C 297 -1.86 8.75 -0.92
C LEU C 297 -2.96 9.37 -0.06
N SER C 298 -3.48 8.63 0.92
CA SER C 298 -4.49 9.15 1.83
C SER C 298 -3.88 9.87 3.04
N MET C 299 -2.61 10.26 2.94
CA MET C 299 -2.00 11.15 3.91
C MET C 299 -1.76 12.55 3.37
N LEU C 300 -1.61 12.69 2.05
CA LEU C 300 -1.41 13.99 1.44
C LEU C 300 -2.57 14.97 1.61
N PRO C 301 -3.83 14.56 1.78
CA PRO C 301 -4.80 15.53 2.33
C PRO C 301 -4.45 15.99 3.73
N ALA C 302 -3.94 15.11 4.59
CA ALA C 302 -3.68 15.48 5.97
C ALA C 302 -2.32 16.10 6.19
N MET C 303 -1.28 15.63 5.48
CA MET C 303 0.06 16.15 5.70
C MET C 303 0.21 17.54 5.12
N LEU C 304 -0.46 17.82 4.00
CA LEU C 304 -0.41 19.17 3.43
C LEU C 304 -1.20 20.15 4.28
N LEU C 305 -2.25 19.67 4.95
CA LEU C 305 -3.02 20.54 5.82
C LEU C 305 -2.24 20.91 7.07
N TYR C 306 -1.39 20.00 7.54
CA TYR C 306 -0.50 20.35 8.65
C TYR C 306 0.57 21.33 8.21
N LEU C 307 1.02 21.22 6.96
CA LEU C 307 2.03 22.15 6.45
C LEU C 307 1.45 23.55 6.26
N LEU C 308 0.20 23.64 5.83
CA LEU C 308 -0.47 24.92 5.67
C LEU C 308 -0.75 25.61 7.00
N PHE C 309 -0.72 24.89 8.12
CA PHE C 309 -0.89 25.51 9.42
C PHE C 309 0.38 26.16 9.94
N PHE C 310 1.51 25.49 9.84
CA PHE C 310 2.75 26.03 10.38
C PHE C 310 3.45 26.98 9.42
N LEU C 311 2.99 27.08 8.18
CA LEU C 311 3.48 28.14 7.32
C LEU C 311 2.79 29.46 7.62
N ILE C 312 1.53 29.41 8.03
CA ILE C 312 0.83 30.63 8.41
C ILE C 312 1.17 31.03 9.84
N GLN C 313 1.29 30.07 10.76
CA GLN C 313 1.63 30.38 12.15
C GLN C 313 3.02 30.96 12.30
N THR C 314 3.94 30.61 11.40
CA THR C 314 5.28 31.18 11.45
C THR C 314 5.36 32.51 10.72
N SER C 315 4.66 32.64 9.60
CA SER C 315 4.63 33.90 8.87
C SER C 315 3.59 34.87 9.39
N LEU C 316 3.00 34.61 10.56
CA LEU C 316 2.29 35.63 11.30
C LEU C 316 2.97 35.96 12.62
N LYS C 317 3.97 35.19 13.02
CA LYS C 317 4.75 35.52 14.21
C LYS C 317 5.89 36.46 13.88
N SER C 318 6.74 36.08 12.91
CA SER C 318 7.90 36.91 12.59
C SER C 318 7.50 38.10 11.72
N ASN C 319 6.51 37.92 10.84
CA ASN C 319 6.02 39.04 10.07
C ASN C 319 5.19 39.97 10.93
N GLY C 320 4.59 39.44 11.98
CA GLY C 320 3.81 40.24 12.91
C GLY C 320 4.49 40.55 14.23
N GLY C 321 5.77 40.23 14.37
CA GLY C 321 6.49 40.59 15.57
C GLY C 321 6.98 42.01 15.50
N LYS C 322 7.58 42.38 14.37
CA LYS C 322 8.02 43.76 14.16
C LYS C 322 6.84 44.72 14.02
N GLY C 323 5.68 44.21 13.65
CA GLY C 323 4.42 44.89 13.77
C GLY C 323 3.79 45.26 12.44
N LYS C 324 2.92 44.37 11.97
CA LYS C 324 1.93 44.66 10.94
C LYS C 324 0.57 44.08 11.27
N LEU C 325 0.51 42.97 12.02
CA LEU C 325 -0.69 42.20 12.28
C LEU C 325 -0.39 41.21 13.40
N ASP C 326 -1.23 41.18 14.41
CA ASP C 326 -0.87 40.56 15.68
C ASP C 326 -2.09 39.76 16.15
N PRO C 327 -2.07 39.01 17.29
CA PRO C 327 -3.29 38.31 17.72
C PRO C 327 -4.43 39.19 18.19
N THR C 328 -4.89 40.08 17.32
CA THR C 328 -6.07 40.89 17.52
C THR C 328 -7.13 40.56 16.50
N LEU C 329 -6.73 40.38 15.24
CA LEU C 329 -7.65 39.97 14.19
C LEU C 329 -6.98 38.98 13.24
N TRP C 330 -5.75 38.52 13.54
CA TRP C 330 -5.09 37.65 12.56
C TRP C 330 -4.46 36.38 13.09
N MET C 331 -3.96 36.30 14.32
CA MET C 331 -3.30 35.07 14.74
C MET C 331 -4.24 34.07 15.35
N TRP C 332 -5.34 34.52 15.95
CA TRP C 332 -6.33 33.65 16.55
C TRP C 332 -7.57 33.51 15.70
N THR C 333 -7.60 34.07 14.49
CA THR C 333 -8.67 33.71 13.57
C THR C 333 -8.26 32.56 12.67
N VAL C 334 -6.95 32.40 12.41
CA VAL C 334 -6.48 31.25 11.66
C VAL C 334 -6.41 30.04 12.58
N ASN C 335 -6.29 30.26 13.88
CA ASN C 335 -6.39 29.16 14.82
C ASN C 335 -7.83 28.70 15.02
N LEU C 336 -8.81 29.51 14.60
CA LEU C 336 -10.23 29.20 14.80
C LEU C 336 -11.00 28.91 13.52
N ILE C 337 -10.55 29.35 12.34
CA ILE C 337 -11.12 28.78 11.13
C ILE C 337 -10.60 27.37 10.96
N TYR C 338 -9.41 27.09 11.47
CA TYR C 338 -8.80 25.77 11.41
C TYR C 338 -9.24 24.86 12.55
N LEU C 339 -9.84 25.40 13.61
CA LEU C 339 -10.47 24.59 14.63
C LEU C 339 -11.92 24.28 14.30
N ALA C 340 -12.65 25.24 13.74
CA ALA C 340 -14.02 24.97 13.33
C ALA C 340 -14.05 24.07 12.10
N LEU C 341 -12.98 24.06 11.31
CA LEU C 341 -12.84 23.06 10.27
C LEU C 341 -12.73 21.66 10.85
N ALA C 342 -12.08 21.53 12.01
CA ALA C 342 -11.93 20.23 12.65
C ALA C 342 -13.21 19.72 13.28
N ILE C 343 -14.26 20.53 13.33
CA ILE C 343 -15.54 20.09 13.86
C ILE C 343 -16.56 19.81 12.78
N VAL C 344 -16.64 20.65 11.74
CA VAL C 344 -17.57 20.38 10.65
C VAL C 344 -17.11 19.18 9.83
N LEU C 345 -15.80 18.91 9.78
CA LEU C 345 -15.28 17.71 9.15
C LEU C 345 -15.49 16.48 10.02
N ASN C 346 -15.74 16.67 11.32
CA ASN C 346 -15.94 15.58 12.25
C ASN C 346 -17.41 15.29 12.53
N LEU C 347 -18.30 16.22 12.23
CA LEU C 347 -19.74 16.06 12.45
C LEU C 347 -20.50 16.07 11.13
N TRP C 348 -19.97 15.37 10.13
CA TRP C 348 -20.59 15.31 8.81
C TRP C 348 -21.84 14.42 8.78
N ASP C 349 -22.16 13.70 9.85
CA ASP C 349 -23.27 12.74 9.84
C ASP C 349 -24.54 13.40 10.36
N THR C 350 -25.00 14.41 9.62
CA THR C 350 -26.26 15.07 9.91
C THR C 350 -26.79 15.68 8.62
N VAL C 351 -27.82 16.52 8.74
CA VAL C 351 -28.40 17.22 7.59
C VAL C 351 -27.42 18.30 7.13
N PRO C 352 -27.44 18.70 5.86
CA PRO C 352 -26.55 19.79 5.42
C PRO C 352 -27.05 21.15 5.85
N VAL C 353 -26.09 22.03 6.15
CA VAL C 353 -26.38 23.43 6.43
C VAL C 353 -25.50 24.28 5.52
N PRO D 3 18.39 -3.11 -29.09
CA PRO D 3 18.72 -1.70 -29.18
C PRO D 3 17.49 -0.83 -29.49
N PHE D 4 16.91 -0.25 -28.43
CA PHE D 4 15.70 0.57 -28.48
C PHE D 4 14.53 -0.18 -29.14
N GLY D 5 14.10 -1.25 -28.46
CA GLY D 5 12.97 -2.04 -28.92
C GLY D 5 11.65 -1.40 -28.54
N VAL D 6 10.73 -2.19 -28.01
CA VAL D 6 9.46 -1.66 -27.55
C VAL D 6 9.48 -1.65 -26.03
N LEU D 7 9.99 -2.74 -25.43
CA LEU D 7 10.19 -2.78 -23.98
C LEU D 7 11.26 -1.79 -23.54
N ASP D 8 12.27 -1.58 -24.38
CA ASP D 8 13.31 -0.58 -24.10
C ASP D 8 12.76 0.83 -24.14
N ARG D 9 11.76 1.09 -24.99
CA ARG D 9 11.14 2.41 -25.05
C ARG D 9 9.89 2.52 -24.19
N TYR D 10 9.68 1.57 -23.28
CA TYR D 10 8.52 1.62 -22.39
C TYR D 10 8.96 1.54 -20.94
N ILE D 11 9.94 0.68 -20.65
CA ILE D 11 10.54 0.64 -19.32
C ILE D 11 11.46 1.82 -19.08
N GLY D 12 11.82 2.55 -20.12
CA GLY D 12 12.68 3.70 -19.96
C GLY D 12 11.94 5.00 -20.16
N LYS D 13 10.63 4.90 -20.41
CA LYS D 13 9.78 6.06 -20.55
C LYS D 13 8.98 6.38 -19.29
N THR D 14 8.46 5.35 -18.61
CA THR D 14 7.79 5.57 -17.35
C THR D 14 8.74 6.08 -16.28
N ILE D 15 9.98 5.61 -16.28
CA ILE D 15 11.00 6.14 -15.37
C ILE D 15 11.37 7.57 -15.73
N PHE D 16 11.28 7.95 -17.00
CA PHE D 16 11.62 9.33 -17.36
C PHE D 16 10.55 10.33 -16.93
N THR D 17 9.29 9.97 -17.02
CA THR D 17 8.24 10.90 -16.59
C THR D 17 8.19 11.00 -15.07
N THR D 18 8.31 9.86 -14.38
CA THR D 18 8.17 9.86 -12.92
C THR D 18 9.37 10.47 -12.24
N ILE D 19 10.51 10.57 -12.92
CA ILE D 19 11.61 11.37 -12.41
C ILE D 19 11.32 12.84 -12.69
N MET D 20 10.91 13.17 -13.91
CA MET D 20 10.69 14.54 -14.31
C MET D 20 9.44 15.16 -13.70
N MET D 21 8.47 14.36 -13.25
CA MET D 21 7.31 14.91 -12.57
C MET D 21 7.33 14.70 -11.06
N THR D 22 8.34 14.02 -10.53
CA THR D 22 8.64 14.17 -9.11
C THR D 22 9.42 15.45 -8.85
N LEU D 23 10.45 15.71 -9.67
CA LEU D 23 11.30 16.87 -9.54
C LEU D 23 10.53 18.18 -9.62
N PHE D 24 9.49 18.23 -10.44
CA PHE D 24 8.56 19.34 -10.43
C PHE D 24 7.76 19.43 -9.13
N MET D 25 7.34 18.29 -8.58
CA MET D 25 6.61 18.31 -7.32
C MET D 25 7.51 18.54 -6.11
N LEU D 26 8.82 18.41 -6.25
CA LEU D 26 9.70 18.76 -5.14
C LEU D 26 10.20 20.18 -5.22
N VAL D 27 10.27 20.77 -6.41
CA VAL D 27 10.77 22.13 -6.51
C VAL D 27 9.62 23.11 -6.29
N SER D 28 8.38 22.70 -6.55
CA SER D 28 7.24 23.56 -6.27
C SER D 28 6.96 23.60 -4.78
N LEU D 29 7.17 22.48 -4.09
CA LEU D 29 7.05 22.47 -2.64
C LEU D 29 8.21 23.22 -2.00
N SER D 30 9.39 23.18 -2.62
CA SER D 30 10.50 24.00 -2.18
C SER D 30 10.48 25.39 -2.79
N GLY D 31 9.44 25.71 -3.55
CA GLY D 31 9.25 27.07 -4.01
C GLY D 31 8.32 27.81 -3.08
N ILE D 32 7.25 27.13 -2.65
CA ILE D 32 6.24 27.78 -1.82
C ILE D 32 6.77 28.05 -0.43
N ILE D 33 7.45 27.06 0.18
CA ILE D 33 7.99 27.27 1.52
C ILE D 33 9.33 27.99 1.49
N LYS D 34 9.80 28.40 0.30
CA LYS D 34 10.79 29.44 0.14
C LYS D 34 10.15 30.80 -0.15
N PHE D 35 8.94 30.80 -0.72
CA PHE D 35 8.21 32.02 -1.04
C PHE D 35 7.73 32.72 0.23
N VAL D 36 7.07 31.98 1.12
CA VAL D 36 6.58 32.55 2.36
C VAL D 36 7.70 32.83 3.35
N ASP D 37 8.89 32.28 3.11
CA ASP D 37 10.08 32.71 3.82
C ASP D 37 10.56 34.06 3.33
N GLN D 38 10.30 34.38 2.07
CA GLN D 38 10.84 35.59 1.46
C GLN D 38 9.82 36.72 1.36
N LEU D 39 8.71 36.65 2.12
CA LEU D 39 7.85 37.80 2.30
C LEU D 39 7.63 38.11 3.77
N LYS D 40 8.32 37.42 4.68
CA LYS D 40 8.48 37.90 6.04
C LYS D 40 9.68 38.84 6.16
N LYS D 41 10.24 39.25 5.03
CA LYS D 41 11.27 40.26 4.94
C LYS D 41 10.85 41.46 4.09
N ALA D 42 9.73 41.37 3.37
CA ALA D 42 9.33 42.41 2.43
C ALA D 42 8.84 43.65 3.14
N GLY D 43 8.98 44.80 2.48
CA GLY D 43 8.60 46.06 3.06
C GLY D 43 9.68 47.12 2.93
N GLN D 44 10.68 46.87 2.08
CA GLN D 44 11.79 47.80 1.92
C GLN D 44 11.88 48.25 0.47
N GLY D 45 10.74 48.59 -0.13
CA GLY D 45 10.72 48.93 -1.55
C GLY D 45 10.59 47.73 -2.46
N SER D 46 10.04 46.62 -1.96
CA SER D 46 10.06 45.35 -2.68
C SER D 46 8.96 44.46 -2.11
N TYR D 47 7.83 44.38 -2.81
CA TYR D 47 6.71 43.54 -2.38
C TYR D 47 6.78 42.16 -3.03
N ASP D 48 6.90 42.11 -4.36
CA ASP D 48 7.15 40.88 -5.08
C ASP D 48 8.55 40.91 -5.71
N ALA D 49 9.49 41.58 -5.07
CA ALA D 49 10.79 41.80 -5.68
C ALA D 49 11.94 41.46 -4.75
N LEU D 50 11.68 41.38 -3.44
CA LEU D 50 12.76 41.05 -2.50
C LEU D 50 13.13 39.59 -2.62
N GLY D 51 12.18 38.71 -2.36
CA GLY D 51 12.34 37.32 -2.73
C GLY D 51 11.01 36.69 -3.08
N ALA D 52 9.96 37.49 -3.18
CA ALA D 52 8.63 36.92 -3.35
C ALA D 52 8.37 36.52 -4.80
N GLY D 53 8.31 37.51 -5.69
CA GLY D 53 7.94 37.22 -7.06
C GLY D 53 9.08 36.68 -7.89
N MET D 54 10.16 37.44 -8.01
CA MET D 54 11.26 37.04 -8.87
C MET D 54 12.27 36.15 -8.16
N TYR D 55 11.78 35.12 -7.47
CA TYR D 55 12.54 33.96 -7.04
C TYR D 55 11.93 32.70 -7.62
N THR D 56 11.49 32.79 -8.87
CA THR D 56 10.84 31.70 -9.57
C THR D 56 11.60 31.28 -10.82
N LEU D 57 12.31 32.20 -11.46
CA LEU D 57 13.28 31.84 -12.49
C LEU D 57 14.70 32.10 -12.03
N LEU D 58 14.86 32.77 -10.89
CA LEU D 58 16.16 33.18 -10.42
C LEU D 58 16.70 32.27 -9.32
N SER D 59 15.85 31.45 -8.70
CA SER D 59 16.32 30.51 -7.69
C SER D 59 15.88 29.08 -7.92
N VAL D 60 14.94 28.82 -8.81
CA VAL D 60 14.49 27.46 -9.14
C VAL D 60 15.55 26.63 -9.87
N PRO D 61 16.34 27.16 -10.84
CA PRO D 61 17.45 26.34 -11.36
C PRO D 61 18.53 26.00 -10.35
N LYS D 62 18.60 26.72 -9.23
CA LYS D 62 19.44 26.24 -8.13
C LYS D 62 18.81 25.07 -7.41
N ASP D 63 17.48 24.97 -7.39
CA ASP D 63 16.78 23.94 -6.63
C ASP D 63 16.51 22.69 -7.44
N VAL D 64 16.90 22.64 -8.70
CA VAL D 64 16.84 21.40 -9.47
C VAL D 64 18.24 20.82 -9.54
N GLN D 65 19.12 21.29 -8.67
CA GLN D 65 20.44 20.69 -8.51
C GLN D 65 20.63 20.04 -7.15
N ILE D 66 20.06 20.62 -6.10
CA ILE D 66 20.11 20.01 -4.77
C ILE D 66 18.93 19.08 -4.53
N PHE D 67 17.97 19.03 -5.43
CA PHE D 67 16.87 18.07 -5.35
C PHE D 67 16.95 17.01 -6.43
N PHE D 68 17.92 17.09 -7.32
CA PHE D 68 18.01 16.16 -8.45
C PHE D 68 18.50 14.75 -8.10
N PRO D 69 19.51 14.52 -7.21
CA PRO D 69 19.86 13.13 -6.88
C PRO D 69 18.77 12.37 -6.13
N MET D 70 18.20 12.98 -5.10
CA MET D 70 17.17 12.29 -4.34
C MET D 70 15.81 12.28 -5.03
N ALA D 71 15.67 12.91 -6.20
CA ALA D 71 14.56 12.64 -7.09
C ALA D 71 14.97 11.80 -8.28
N ALA D 72 16.15 11.19 -8.22
CA ALA D 72 16.58 10.18 -9.18
C ALA D 72 16.66 8.79 -8.56
N LEU D 73 16.95 8.71 -7.26
CA LEU D 73 16.65 7.50 -6.50
C LEU D 73 15.16 7.25 -6.44
N LEU D 74 14.35 8.30 -6.55
CA LEU D 74 12.96 8.23 -6.21
C LEU D 74 12.11 7.78 -7.39
N GLY D 75 12.23 8.48 -8.52
CA GLY D 75 11.43 8.13 -9.68
C GLY D 75 11.82 6.79 -10.27
N ALA D 76 13.08 6.39 -10.08
CA ALA D 76 13.49 5.05 -10.45
C ALA D 76 13.08 4.03 -9.40
N LEU D 77 12.51 4.48 -8.29
CA LEU D 77 11.88 3.60 -7.32
C LEU D 77 10.36 3.69 -7.36
N LEU D 78 9.81 4.88 -7.57
CA LEU D 78 8.36 5.05 -7.64
C LEU D 78 7.80 4.75 -9.01
N GLY D 79 8.63 4.76 -10.05
CA GLY D 79 8.19 4.42 -11.38
C GLY D 79 8.45 2.97 -11.68
N LEU D 80 9.63 2.49 -11.31
CA LEU D 80 9.95 1.07 -11.49
C LEU D 80 9.21 0.21 -10.48
N GLY D 81 8.91 0.76 -9.30
CA GLY D 81 8.10 0.01 -8.36
C GLY D 81 6.65 -0.10 -8.78
N MET D 82 6.19 0.85 -9.60
CA MET D 82 4.86 0.76 -10.19
C MET D 82 4.77 -0.41 -11.16
N LEU D 83 5.83 -0.66 -11.93
CA LEU D 83 5.84 -1.79 -12.85
C LEU D 83 5.93 -3.12 -12.11
N ALA D 84 6.50 -3.13 -10.92
CA ALA D 84 6.56 -4.35 -10.13
C ALA D 84 5.31 -4.57 -9.28
N GLN D 85 4.49 -3.53 -9.09
CA GLN D 85 3.28 -3.68 -8.28
C GLN D 85 2.15 -4.30 -9.08
N ARG D 86 1.89 -3.79 -10.28
CA ARG D 86 0.87 -4.35 -11.17
C ARG D 86 1.36 -5.56 -11.94
N SER D 87 2.49 -6.15 -11.54
CA SER D 87 3.04 -7.40 -12.08
C SER D 87 3.38 -7.29 -13.56
N GLU D 88 4.24 -6.32 -13.90
CA GLU D 88 4.81 -6.28 -15.24
C GLU D 88 6.32 -6.46 -15.25
N LEU D 89 6.96 -6.58 -14.09
CA LEU D 89 8.39 -6.79 -14.06
C LEU D 89 8.78 -8.25 -13.92
N VAL D 90 7.92 -9.07 -13.32
CA VAL D 90 8.14 -10.52 -13.29
C VAL D 90 7.78 -11.15 -14.64
N VAL D 91 6.90 -10.52 -15.42
CA VAL D 91 6.50 -11.09 -16.70
C VAL D 91 7.40 -10.61 -17.83
N MET D 92 8.19 -9.55 -17.61
CA MET D 92 9.26 -9.23 -18.55
C MET D 92 10.36 -10.28 -18.46
N GLN D 93 10.67 -10.73 -17.24
CA GLN D 93 11.65 -11.79 -17.08
C GLN D 93 11.10 -13.13 -17.56
N ALA D 94 9.79 -13.32 -17.47
CA ALA D 94 9.17 -14.56 -17.92
C ALA D 94 8.95 -14.60 -19.42
N SER D 95 9.52 -13.67 -20.18
CA SER D 95 9.47 -13.70 -21.62
C SER D 95 10.85 -13.66 -22.27
N GLY D 96 11.90 -13.44 -21.51
CA GLY D 96 13.24 -13.46 -22.05
C GLY D 96 14.05 -12.21 -21.78
N PHE D 97 13.36 -11.10 -21.51
CA PHE D 97 14.02 -9.84 -21.16
C PHE D 97 14.71 -9.97 -19.82
N THR D 98 16.04 -10.05 -19.81
CA THR D 98 16.78 -10.47 -18.63
C THR D 98 16.97 -9.31 -17.66
N ARG D 99 17.59 -9.60 -16.52
CA ARG D 99 17.78 -8.61 -15.46
C ARG D 99 18.91 -7.64 -15.76
N MET D 100 19.93 -8.07 -16.50
CA MET D 100 20.97 -7.14 -16.93
C MET D 100 20.57 -6.36 -18.18
N GLN D 101 19.41 -6.64 -18.74
CA GLN D 101 18.83 -5.82 -19.79
C GLN D 101 17.82 -4.82 -19.25
N VAL D 102 17.23 -5.09 -18.08
CA VAL D 102 16.53 -4.05 -17.34
C VAL D 102 17.52 -3.01 -16.86
N ALA D 103 18.67 -3.46 -16.33
CA ALA D 103 19.72 -2.55 -15.90
C ALA D 103 20.28 -1.73 -17.06
N LEU D 104 20.39 -2.34 -18.23
CA LEU D 104 20.87 -1.65 -19.41
C LEU D 104 19.87 -0.63 -19.93
N SER D 105 18.58 -0.77 -19.64
CA SER D 105 17.56 0.12 -20.16
C SER D 105 17.17 1.24 -19.20
N VAL D 106 17.39 1.08 -17.89
CA VAL D 106 17.22 2.22 -17.00
C VAL D 106 18.41 3.16 -17.13
N MET D 107 19.59 2.62 -17.39
CA MET D 107 20.76 3.46 -17.59
C MET D 107 20.73 4.23 -18.89
N LYS D 108 20.01 3.74 -19.91
CA LYS D 108 19.82 4.54 -21.12
C LYS D 108 18.90 5.72 -20.88
N THR D 109 18.03 5.63 -19.89
CA THR D 109 17.24 6.79 -19.50
C THR D 109 18.11 7.86 -18.85
N ALA D 110 19.14 7.44 -18.11
CA ALA D 110 19.97 8.37 -17.36
C ALA D 110 20.82 9.27 -18.25
N ILE D 111 20.99 8.93 -19.54
CA ILE D 111 21.83 9.74 -20.41
C ILE D 111 21.18 11.08 -20.78
N PRO D 112 19.86 11.17 -21.03
CA PRO D 112 19.24 12.50 -20.99
C PRO D 112 19.24 13.16 -19.62
N LEU D 113 19.31 12.40 -18.52
CA LEU D 113 19.26 13.02 -17.21
C LEU D 113 20.60 13.65 -16.85
N VAL D 114 21.70 12.92 -17.04
CA VAL D 114 22.99 13.43 -16.59
C VAL D 114 23.57 14.43 -17.58
N LEU D 115 23.10 14.40 -18.84
CA LEU D 115 23.50 15.44 -19.78
C LEU D 115 22.70 16.71 -19.59
N LEU D 116 21.55 16.63 -18.93
CA LEU D 116 20.78 17.83 -18.63
C LEU D 116 21.29 18.51 -17.37
N THR D 117 21.74 17.73 -16.38
CA THR D 117 22.07 18.31 -15.09
C THR D 117 23.39 19.08 -15.14
N MET D 118 24.38 18.57 -15.86
CA MET D 118 25.58 19.38 -16.08
C MET D 118 25.38 20.43 -17.16
N ALA D 119 24.29 20.37 -17.91
CA ALA D 119 23.98 21.48 -18.82
C ALA D 119 23.46 22.68 -18.04
N ILE D 120 22.50 22.47 -17.15
CA ILE D 120 21.97 23.54 -16.33
C ILE D 120 22.65 23.57 -14.96
N GLY D 121 23.81 22.95 -14.83
CA GLY D 121 24.60 23.08 -13.63
C GLY D 121 25.81 23.95 -13.89
N GLU D 122 25.92 24.42 -15.13
CA GLU D 122 27.00 25.29 -15.56
C GLU D 122 26.54 26.61 -16.15
N TRP D 123 25.49 26.60 -16.97
CA TRP D 123 25.04 27.80 -17.66
C TRP D 123 23.89 28.50 -16.96
N VAL D 124 22.96 27.74 -16.38
CA VAL D 124 21.69 28.32 -15.95
C VAL D 124 21.64 28.51 -14.44
N ALA D 125 22.16 27.54 -13.67
CA ALA D 125 22.04 27.61 -12.22
C ALA D 125 22.89 28.72 -11.60
N PRO D 126 24.17 28.92 -11.94
CA PRO D 126 24.87 30.05 -11.31
C PRO D 126 24.46 31.39 -11.89
N GLN D 127 24.10 31.45 -13.18
CA GLN D 127 23.64 32.69 -13.76
C GLN D 127 22.30 33.13 -13.17
N GLY D 128 21.45 32.17 -12.81
CA GLY D 128 20.24 32.50 -12.12
C GLY D 128 20.50 32.92 -10.68
N GLU D 129 21.33 32.15 -9.98
CA GLU D 129 21.59 32.40 -8.58
C GLU D 129 22.42 33.67 -8.35
N GLN D 130 23.19 34.10 -9.33
CA GLN D 130 23.98 35.32 -9.17
C GLN D 130 23.08 36.55 -9.13
N MET D 131 22.12 36.62 -10.05
CA MET D 131 21.17 37.73 -10.03
C MET D 131 20.04 37.52 -9.02
N ALA D 132 19.97 36.34 -8.40
CA ALA D 132 19.03 36.11 -7.31
C ALA D 132 19.41 36.86 -6.04
N ARG D 133 20.67 37.26 -5.91
CA ARG D 133 21.10 38.10 -4.82
C ARG D 133 21.16 39.57 -5.19
N ASN D 134 21.44 39.89 -6.47
CA ASN D 134 21.49 41.27 -6.89
C ASN D 134 20.09 41.89 -6.94
N TYR D 135 19.09 41.12 -7.35
CA TYR D 135 17.71 41.61 -7.31
C TYR D 135 17.17 41.72 -5.90
N ARG D 136 17.85 41.14 -4.91
CA ARG D 136 17.53 41.33 -3.51
C ARG D 136 18.37 42.42 -2.84
N ALA D 137 19.66 42.50 -3.16
CA ALA D 137 20.54 43.43 -2.46
C ALA D 137 20.38 44.87 -2.94
N GLN D 138 19.77 45.10 -4.09
CA GLN D 138 19.53 46.47 -4.54
C GLN D 138 18.47 47.14 -3.68
N ALA D 139 17.40 46.41 -3.36
CA ALA D 139 16.30 46.94 -2.56
C ALA D 139 16.54 46.81 -1.06
N MET D 140 17.77 46.51 -0.65
CA MET D 140 18.12 46.46 0.76
C MET D 140 19.40 47.25 1.03
N SER D 250 29.67 27.83 -11.32
CA SER D 250 29.87 27.16 -12.60
C SER D 250 31.15 26.34 -12.57
N ILE D 251 31.55 25.87 -13.75
CA ILE D 251 32.80 25.14 -13.88
C ILE D 251 33.86 26.03 -14.52
N SER D 252 33.45 26.82 -15.52
CA SER D 252 34.37 27.79 -16.11
C SER D 252 34.61 28.96 -15.17
N GLY D 253 33.54 29.47 -14.55
CA GLY D 253 33.69 30.58 -13.62
C GLY D 253 34.31 30.20 -12.30
N LEU D 254 34.31 28.91 -11.95
CA LEU D 254 34.94 28.45 -10.71
C LEU D 254 35.93 27.32 -11.04
N HIS D 255 37.08 27.70 -11.57
CA HIS D 255 38.26 26.83 -11.65
C HIS D 255 39.55 27.54 -11.28
N ASN D 256 39.70 28.79 -11.70
CA ASN D 256 40.95 29.55 -11.50
C ASN D 256 40.98 30.27 -10.17
N TYR D 257 39.87 30.26 -9.43
CA TYR D 257 39.78 30.89 -8.12
C TYR D 257 40.49 30.10 -7.03
N VAL D 258 41.07 28.94 -7.36
CA VAL D 258 41.81 28.16 -6.37
C VAL D 258 43.14 28.82 -6.04
N LYS D 259 43.62 29.71 -6.91
CA LYS D 259 44.90 30.39 -6.68
C LYS D 259 44.73 31.81 -6.19
N TYR D 260 43.51 32.31 -6.08
CA TYR D 260 43.28 33.62 -5.47
C TYR D 260 43.11 33.53 -3.97
N LEU D 261 43.22 32.34 -3.39
CA LEU D 261 43.25 32.21 -1.94
C LEU D 261 44.55 32.76 -1.37
N LYS D 262 45.68 32.22 -1.82
CA LYS D 262 46.99 32.72 -1.39
C LYS D 262 47.74 33.35 -2.56
N GLY D 269 40.53 25.41 0.23
CA GLY D 269 40.04 24.51 1.25
C GLY D 269 38.53 24.34 1.19
N ARG D 270 37.81 25.21 1.91
CA ARG D 270 36.36 25.18 1.97
C ARG D 270 35.70 25.40 0.62
N TYR D 271 36.42 25.97 -0.33
CA TYR D 271 35.92 26.26 -1.66
C TYR D 271 36.32 25.20 -2.68
N GLN D 272 37.47 24.54 -2.49
CA GLN D 272 37.86 23.45 -3.39
C GLN D 272 36.95 22.24 -3.20
N LEU D 273 36.39 22.07 -2.02
CA LEU D 273 35.33 21.10 -1.81
C LEU D 273 34.06 21.47 -2.55
N ASN D 274 33.75 22.76 -2.64
CA ASN D 274 32.56 23.22 -3.35
C ASN D 274 32.66 23.07 -4.86
N MET D 275 33.85 23.21 -5.43
CA MET D 275 34.00 23.01 -6.87
C MET D 275 34.02 21.52 -7.21
N TRP D 276 34.81 20.74 -6.47
CA TRP D 276 35.00 19.33 -6.79
C TRP D 276 33.77 18.48 -6.46
N SER D 277 32.84 19.00 -5.65
CA SER D 277 31.54 18.36 -5.47
C SER D 277 30.51 18.86 -6.47
N LYS D 278 30.96 19.39 -7.60
CA LYS D 278 30.07 19.81 -8.66
C LYS D 278 30.45 19.25 -10.02
N ILE D 279 31.67 18.74 -10.21
CA ILE D 279 32.01 18.14 -11.48
C ILE D 279 31.38 16.76 -11.63
N PHE D 280 31.63 15.84 -10.70
CA PHE D 280 30.89 14.58 -10.74
C PHE D 280 29.69 14.62 -9.81
N GLN D 281 28.92 15.69 -9.92
CA GLN D 281 27.53 15.74 -9.46
C GLN D 281 26.59 15.04 -10.45
N PRO D 282 26.82 15.05 -11.78
CA PRO D 282 26.11 14.08 -12.63
C PRO D 282 26.39 12.62 -12.30
N LEU D 283 27.57 12.30 -11.77
CA LEU D 283 27.83 10.95 -11.29
C LEU D 283 26.98 10.60 -10.09
N SER D 284 26.56 11.61 -9.32
CA SER D 284 25.63 11.37 -8.23
C SER D 284 24.23 11.04 -8.72
N VAL D 285 23.90 11.40 -9.96
CA VAL D 285 22.59 11.03 -10.49
C VAL D 285 22.60 9.59 -10.99
N ALA D 286 23.68 9.18 -11.65
CA ALA D 286 23.72 7.84 -12.23
C ALA D 286 23.89 6.77 -11.16
N VAL D 287 24.40 7.15 -9.98
CA VAL D 287 24.53 6.16 -8.92
C VAL D 287 23.20 5.99 -8.19
N MET D 288 22.33 7.00 -8.22
CA MET D 288 21.04 6.89 -7.54
C MET D 288 20.11 5.93 -8.26
N MET D 289 20.11 5.96 -9.60
CA MET D 289 19.32 4.99 -10.34
C MET D 289 19.91 3.59 -10.24
N LEU D 290 21.21 3.49 -9.95
CA LEU D 290 21.79 2.18 -9.72
C LEU D 290 21.40 1.65 -8.35
N MET D 291 21.32 2.52 -7.35
CA MET D 291 20.86 2.07 -6.04
C MET D 291 19.37 1.78 -6.04
N ALA D 292 18.57 2.60 -6.75
CA ALA D 292 17.15 2.37 -6.86
C ALA D 292 16.81 1.12 -7.65
N LEU D 293 17.73 0.65 -8.50
CA LEU D 293 17.55 -0.59 -9.22
C LEU D 293 17.90 -1.81 -8.37
N SER D 294 18.88 -1.66 -7.47
CA SER D 294 19.25 -2.79 -6.62
C SER D 294 18.20 -3.02 -5.54
N PHE D 295 17.45 -1.99 -5.15
CA PHE D 295 16.36 -2.19 -4.20
C PHE D 295 15.21 -2.96 -4.82
N ILE D 296 14.98 -2.79 -6.12
CA ILE D 296 13.88 -3.48 -6.77
C ILE D 296 14.25 -4.94 -7.02
N PHE D 297 15.51 -5.23 -7.28
CA PHE D 297 15.95 -6.62 -7.35
C PHE D 297 16.45 -7.14 -6.01
N GLY D 298 16.30 -6.37 -4.94
CA GLY D 298 16.69 -6.79 -3.62
C GLY D 298 15.50 -7.07 -2.74
N PRO D 299 15.30 -6.24 -1.72
CA PRO D 299 14.09 -6.37 -0.90
C PRO D 299 12.85 -5.90 -1.64
N LEU D 300 12.27 -6.80 -2.43
CA LEU D 300 11.10 -6.50 -3.26
C LEU D 300 9.84 -7.16 -2.74
N ARG D 301 9.81 -8.50 -2.63
CA ARG D 301 8.84 -9.30 -1.83
C ARG D 301 7.37 -8.98 -2.11
N SER D 302 7.08 -8.34 -3.24
CA SER D 302 5.83 -7.59 -3.48
C SER D 302 5.49 -6.67 -2.31
N VAL D 303 6.50 -5.96 -1.81
CA VAL D 303 6.34 -4.99 -0.72
C VAL D 303 5.50 -3.83 -1.22
N PRO D 304 4.50 -3.37 -0.45
CA PRO D 304 3.58 -2.35 -0.95
C PRO D 304 4.24 -1.00 -1.20
N MET D 305 3.51 -0.16 -1.95
CA MET D 305 4.01 1.12 -2.42
C MET D 305 4.31 2.10 -1.28
N GLY D 306 3.71 1.88 -0.10
CA GLY D 306 3.98 2.75 1.03
C GLY D 306 5.41 2.66 1.52
N VAL D 307 5.97 1.46 1.55
CA VAL D 307 7.35 1.31 2.02
C VAL D 307 8.36 1.85 1.02
N ARG D 308 8.12 1.67 -0.28
CA ARG D 308 8.97 2.25 -1.32
C ARG D 308 8.95 3.77 -1.32
N VAL D 309 7.97 4.40 -0.68
CA VAL D 309 7.96 5.82 -0.42
C VAL D 309 8.86 6.10 0.78
N VAL D 310 8.81 5.23 1.79
CA VAL D 310 9.59 5.45 3.01
C VAL D 310 11.05 5.03 2.88
N THR D 311 11.36 4.03 2.07
CA THR D 311 12.78 3.78 1.81
C THR D 311 13.32 4.65 0.70
N GLY D 312 12.47 5.45 0.05
CA GLY D 312 12.92 6.49 -0.86
C GLY D 312 13.22 7.82 -0.22
N ILE D 313 12.63 8.09 0.95
CA ILE D 313 12.95 9.27 1.74
C ILE D 313 14.09 9.02 2.71
N SER D 314 14.22 7.78 3.20
CA SER D 314 15.25 7.47 4.19
C SER D 314 16.64 7.55 3.57
N PHE D 315 16.88 6.83 2.47
CA PHE D 315 18.15 6.95 1.79
C PHE D 315 18.26 8.26 1.00
N GLY D 316 17.14 8.93 0.75
CA GLY D 316 17.22 10.26 0.18
C GLY D 316 17.68 11.30 1.17
N PHE D 317 17.20 11.21 2.42
CA PHE D 317 17.62 12.16 3.44
C PHE D 317 19.03 11.86 3.92
N VAL D 318 19.41 10.57 3.95
CA VAL D 318 20.75 10.18 4.36
C VAL D 318 21.78 10.71 3.38
N PHE D 319 21.41 10.81 2.09
CA PHE D 319 22.30 11.43 1.12
C PHE D 319 22.52 12.92 1.39
N TYR D 320 21.48 13.63 1.80
CA TYR D 320 21.63 15.07 2.06
C TYR D 320 22.46 15.31 3.31
N VAL D 321 22.36 14.43 4.30
CA VAL D 321 23.20 14.56 5.49
C VAL D 321 24.63 14.17 5.18
N LEU D 322 24.83 13.04 4.47
CA LEU D 322 26.16 12.56 4.13
C LEU D 322 26.88 13.47 3.14
N ASP D 323 26.17 14.33 2.43
CA ASP D 323 26.80 15.27 1.52
C ASP D 323 27.23 16.56 2.20
N GLN D 324 26.51 17.02 3.21
CA GLN D 324 26.81 18.31 3.83
C GLN D 324 27.35 18.20 5.24
N ILE D 325 27.38 17.01 5.84
CA ILE D 325 28.04 16.85 7.13
C ILE D 325 29.40 16.23 6.87
N PHE D 326 29.41 15.02 6.32
CA PHE D 326 30.65 14.30 6.08
C PHE D 326 31.38 14.74 4.82
N GLY D 327 30.97 15.86 4.22
CA GLY D 327 31.79 16.58 3.28
C GLY D 327 32.80 17.47 3.98
N PRO D 328 32.32 18.48 4.74
CA PRO D 328 33.27 19.36 5.44
C PRO D 328 33.94 18.74 6.66
N LEU D 329 33.33 17.72 7.28
CA LEU D 329 33.96 17.11 8.46
C LEU D 329 35.22 16.33 8.08
N THR D 330 35.30 15.86 6.84
CA THR D 330 36.54 15.26 6.37
C THR D 330 37.61 16.32 6.21
N LEU D 331 37.23 17.50 5.73
CA LEU D 331 38.19 18.54 5.39
C LEU D 331 38.80 19.19 6.63
N VAL D 332 38.01 19.30 7.71
CA VAL D 332 38.48 19.95 8.93
C VAL D 332 39.55 19.13 9.62
N TYR D 333 39.43 17.80 9.59
CA TYR D 333 40.39 16.95 10.29
C TYR D 333 41.69 16.86 9.49
N GLY D 334 41.63 16.23 8.33
CA GLY D 334 42.68 16.34 7.33
C GLY D 334 42.49 15.32 6.24
N ILE D 335 42.55 15.76 4.99
CA ILE D 335 42.19 14.97 3.81
C ILE D 335 42.55 15.83 2.60
N PRO D 336 42.73 15.26 1.41
CA PRO D 336 42.54 16.04 0.20
C PRO D 336 41.07 16.25 -0.05
N PRO D 337 40.68 17.41 -0.60
CA PRO D 337 39.24 17.70 -0.74
C PRO D 337 38.57 16.94 -1.87
N ILE D 338 39.36 16.29 -2.73
CA ILE D 338 38.81 15.66 -3.92
C ILE D 338 38.17 14.32 -3.61
N ILE D 339 38.50 13.71 -2.48
CA ILE D 339 37.88 12.44 -2.10
C ILE D 339 36.72 12.67 -1.13
N GLY D 340 36.73 13.77 -0.37
CA GLY D 340 35.58 14.13 0.42
C GLY D 340 34.37 14.50 -0.41
N ALA D 341 34.58 14.95 -1.65
CA ALA D 341 33.47 15.19 -2.55
C ALA D 341 32.92 13.89 -3.11
N LEU D 342 33.78 12.90 -3.31
CA LEU D 342 33.44 11.62 -3.90
C LEU D 342 32.88 10.64 -2.86
N LEU D 343 32.93 10.99 -1.59
CA LEU D 343 32.41 10.11 -0.54
C LEU D 343 30.90 9.87 -0.59
N PRO D 344 30.02 10.89 -0.77
CA PRO D 344 28.57 10.57 -0.72
C PRO D 344 28.06 9.80 -1.91
N SER D 345 28.82 9.72 -3.00
CA SER D 345 28.41 8.90 -4.14
C SER D 345 29.04 7.51 -4.10
N ALA D 346 30.30 7.42 -3.66
CA ALA D 346 30.98 6.13 -3.62
C ALA D 346 30.48 5.26 -2.48
N SER D 347 30.11 5.87 -1.35
CA SER D 347 29.52 5.12 -0.25
C SER D 347 28.11 4.67 -0.56
N PHE D 348 27.49 5.26 -1.59
CA PHE D 348 26.22 4.78 -2.10
C PHE D 348 26.37 3.95 -3.36
N PHE D 349 27.56 3.87 -3.91
CA PHE D 349 27.85 2.89 -4.94
C PHE D 349 28.21 1.54 -4.35
N LEU D 350 28.85 1.55 -3.17
CA LEU D 350 29.21 0.31 -2.51
C LEU D 350 28.00 -0.37 -1.86
N ILE D 351 27.03 0.43 -1.38
CA ILE D 351 25.82 -0.15 -0.81
C ILE D 351 24.98 -0.82 -1.90
N SER D 352 24.93 -0.22 -3.08
CA SER D 352 24.21 -0.83 -4.20
C SER D 352 24.93 -2.06 -4.71
N LEU D 353 26.26 -2.06 -4.68
CA LEU D 353 27.01 -3.19 -5.19
C LEU D 353 26.93 -4.38 -4.23
N TRP D 354 26.93 -4.10 -2.92
CA TRP D 354 26.83 -5.17 -1.94
C TRP D 354 25.43 -5.76 -1.92
N LEU D 355 24.41 -4.94 -2.19
CA LEU D 355 23.04 -5.43 -2.18
C LEU D 355 22.76 -6.27 -3.43
N LEU D 356 23.50 -6.05 -4.51
CA LEU D 356 23.28 -6.82 -5.73
C LEU D 356 23.84 -8.22 -5.60
N MET D 357 25.06 -8.36 -5.09
CA MET D 357 25.70 -9.65 -4.92
C MET D 357 25.53 -10.16 -3.49
N ARG D 358 24.27 -10.31 -3.08
CA ARG D 358 23.96 -10.90 -1.78
C ARG D 358 22.97 -12.06 -1.84
N LYS D 359 21.98 -12.02 -2.74
CA LYS D 359 20.93 -13.03 -2.80
C LYS D 359 21.27 -14.18 -3.73
N SER D 360 22.56 -14.43 -3.97
CA SER D 360 23.00 -15.53 -4.81
C SER D 360 24.37 -16.02 -4.36
#